data_2V0E
#
_entry.id   2V0E
#
_cell.length_a   1.000
_cell.length_b   1.000
_cell.length_c   1.000
_cell.angle_alpha   90.00
_cell.angle_beta   90.00
_cell.angle_gamma   90.00
#
_symmetry.space_group_name_H-M   'P 1'
#
_entity_poly.entity_id   1
_entity_poly.type   'polypeptide(L)'
_entity_poly.pdbx_seq_one_letter_code
;SGQLDPDTRIPVINLEDGTRLVGEDAPKNKDLVEWLKLHPTYTVDMPSYVPKNAD
;
_entity_poly.pdbx_strand_id   A
#
# COMPACT_ATOMS: atom_id res chain seq x y z
N SER A 1 -12.87 -0.41 -6.71
CA SER A 1 -12.53 1.04 -6.81
C SER A 1 -11.91 1.36 -8.16
N GLY A 2 -11.88 2.64 -8.50
CA GLY A 2 -11.30 3.06 -9.77
C GLY A 2 -10.40 4.27 -9.62
N GLN A 3 -10.91 5.44 -9.99
CA GLN A 3 -10.14 6.68 -9.89
C GLN A 3 -9.77 6.97 -8.44
N LEU A 4 -8.58 6.51 -8.04
CA LEU A 4 -8.11 6.72 -6.67
C LEU A 4 -7.33 8.03 -6.57
N ASP A 5 -7.13 8.50 -5.35
CA ASP A 5 -6.40 9.74 -5.11
C ASP A 5 -5.11 9.46 -4.35
N PRO A 6 -4.03 10.22 -4.66
CA PRO A 6 -2.73 10.04 -4.00
C PRO A 6 -2.83 10.22 -2.49
N ASP A 7 -3.87 10.92 -2.03
CA ASP A 7 -4.05 11.17 -0.62
C ASP A 7 -4.55 9.90 0.10
N THR A 8 -5.20 9.02 -0.66
CA THR A 8 -5.72 7.78 -0.10
C THR A 8 -4.61 7.01 0.61
N ARG A 9 -4.98 6.29 1.67
CA ARG A 9 -4.02 5.53 2.45
C ARG A 9 -4.16 4.04 2.20
N ILE A 10 -3.05 3.38 1.88
CA ILE A 10 -3.05 1.95 1.62
C ILE A 10 -2.28 1.19 2.70
N PRO A 11 -2.95 0.29 3.44
CA PRO A 11 -2.31 -0.49 4.51
C PRO A 11 -1.17 -1.37 3.98
N VAL A 12 -0.11 -1.50 4.76
CA VAL A 12 1.03 -2.33 4.37
C VAL A 12 1.30 -3.40 5.42
N ILE A 13 1.74 -4.56 4.96
CA ILE A 13 2.04 -5.66 5.86
C ILE A 13 3.47 -6.16 5.71
N ASN A 14 4.19 -6.26 6.82
CA ASN A 14 5.57 -6.75 6.78
C ASN A 14 5.54 -8.27 6.82
N LEU A 15 5.90 -8.89 5.70
CA LEU A 15 5.92 -10.34 5.61
C LEU A 15 6.91 -10.92 6.61
N GLU A 16 7.96 -10.16 6.90
CA GLU A 16 8.98 -10.61 7.85
C GLU A 16 8.34 -11.11 9.15
N ASP A 17 7.30 -10.42 9.62
CA ASP A 17 6.64 -10.82 10.86
C ASP A 17 5.13 -10.66 10.77
N GLY A 18 4.60 -10.71 9.55
CA GLY A 18 3.17 -10.55 9.36
C GLY A 18 2.66 -9.23 9.91
N THR A 19 3.57 -8.28 10.10
CA THR A 19 3.22 -6.97 10.64
C THR A 19 2.18 -6.28 9.77
N ARG A 20 1.36 -5.44 10.38
CA ARG A 20 0.33 -4.71 9.65
C ARG A 20 0.42 -3.22 9.97
N LEU A 21 0.12 -2.39 8.99
CA LEU A 21 0.18 -0.94 9.19
C LEU A 21 -1.02 -0.26 8.52
N VAL A 22 -1.86 0.35 9.35
CA VAL A 22 -3.05 1.05 8.86
C VAL A 22 -3.16 2.43 9.46
N GLY A 23 -4.01 3.27 8.87
CA GLY A 23 -4.17 4.62 9.38
C GLY A 23 -2.92 5.44 9.28
N GLU A 24 -2.47 5.99 10.41
CA GLU A 24 -1.27 6.80 10.44
C GLU A 24 -0.02 5.97 10.16
N ASP A 25 -0.13 4.65 10.31
CA ASP A 25 1.00 3.77 10.07
C ASP A 25 1.09 3.37 8.60
N ALA A 26 0.07 3.71 7.81
CA ALA A 26 0.06 3.38 6.40
C ALA A 26 0.25 4.61 5.51
N PRO A 27 1.17 4.55 4.54
CA PRO A 27 1.45 5.67 3.63
C PRO A 27 0.35 5.85 2.59
N LYS A 28 0.42 6.95 1.85
CA LYS A 28 -0.57 7.24 0.81
C LYS A 28 -0.10 6.65 -0.52
N ASN A 29 -1.06 6.11 -1.29
CA ASN A 29 -0.81 5.48 -2.59
C ASN A 29 0.50 5.88 -3.29
N LYS A 30 0.89 7.15 -3.18
CA LYS A 30 2.15 7.60 -3.80
C LYS A 30 3.33 7.26 -2.90
N ASP A 31 3.19 7.56 -1.62
CA ASP A 31 4.24 7.25 -0.67
C ASP A 31 4.28 5.75 -0.47
N LEU A 32 3.15 5.08 -0.71
CA LEU A 32 3.08 3.64 -0.57
C LEU A 32 3.85 2.98 -1.68
N VAL A 33 3.71 3.48 -2.90
CA VAL A 33 4.45 2.90 -4.01
C VAL A 33 5.96 2.99 -3.73
N GLU A 34 6.41 4.20 -3.39
CA GLU A 34 7.83 4.39 -3.08
C GLU A 34 8.24 3.61 -1.83
N TRP A 35 7.44 3.76 -0.78
CA TRP A 35 7.66 3.08 0.50
C TRP A 35 7.76 1.57 0.30
N LEU A 36 6.87 1.05 -0.53
CA LEU A 36 6.83 -0.38 -0.84
C LEU A 36 8.15 -0.81 -1.44
N LYS A 37 8.60 -0.09 -2.47
CA LYS A 37 9.86 -0.42 -3.11
C LYS A 37 11.00 -0.30 -2.09
N LEU A 38 10.87 0.69 -1.20
CA LEU A 38 11.87 0.94 -0.17
C LEU A 38 12.02 -0.26 0.78
N HIS A 39 10.93 -0.95 1.06
CA HIS A 39 10.98 -2.10 1.97
C HIS A 39 10.37 -3.35 1.31
N PRO A 40 11.21 -4.22 0.72
CA PRO A 40 10.77 -5.44 0.05
C PRO A 40 9.97 -6.38 0.96
N THR A 41 10.37 -6.48 2.22
CA THR A 41 9.68 -7.37 3.16
C THR A 41 8.20 -7.01 3.30
N TYR A 42 7.85 -5.78 2.96
CA TYR A 42 6.47 -5.35 3.08
C TYR A 42 5.70 -5.61 1.79
N THR A 43 4.50 -6.17 1.94
CA THR A 43 3.64 -6.45 0.80
C THR A 43 2.32 -5.69 0.95
N VAL A 44 1.75 -5.25 -0.17
CA VAL A 44 0.51 -4.49 -0.14
C VAL A 44 -0.60 -5.26 0.57
N ASP A 45 -1.17 -4.64 1.60
CA ASP A 45 -2.25 -5.26 2.37
C ASP A 45 -3.56 -4.51 2.19
N MET A 46 -4.44 -5.04 1.33
CA MET A 46 -5.73 -4.43 1.08
C MET A 46 -6.81 -5.47 0.85
N PRO A 47 -8.08 -5.15 1.18
CA PRO A 47 -9.20 -6.07 0.99
C PRO A 47 -9.30 -6.59 -0.44
N SER A 48 -9.20 -5.69 -1.40
CA SER A 48 -9.28 -6.04 -2.80
C SER A 48 -8.14 -5.41 -3.59
N TYR A 49 -8.10 -4.08 -3.57
CA TYR A 49 -7.07 -3.33 -4.29
C TYR A 49 -7.21 -3.49 -5.80
N VAL A 50 -7.43 -2.37 -6.47
CA VAL A 50 -7.59 -2.37 -7.93
C VAL A 50 -6.54 -1.49 -8.59
N PRO A 51 -5.71 -2.06 -9.48
CA PRO A 51 -4.66 -1.33 -10.18
C PRO A 51 -5.16 -0.60 -11.42
N LYS A 52 -6.47 -0.40 -11.51
CA LYS A 52 -7.09 0.28 -12.66
C LYS A 52 -7.06 -0.58 -13.92
N ASN A 53 -5.91 -1.16 -14.22
CA ASN A 53 -5.76 -2.01 -15.39
C ASN A 53 -4.88 -3.22 -15.08
N ALA A 54 -5.32 -4.40 -15.51
CA ALA A 54 -4.57 -5.63 -15.28
C ALA A 54 -3.40 -5.75 -16.24
N ASP A 55 -2.26 -6.22 -15.73
CA ASP A 55 -1.07 -6.38 -16.54
C ASP A 55 -0.82 -7.86 -16.86
N SER A 1 -14.86 10.39 -13.58
CA SER A 1 -13.48 10.55 -13.05
C SER A 1 -13.46 10.48 -11.53
N GLY A 2 -12.84 9.43 -11.01
CA GLY A 2 -12.75 9.25 -9.57
C GLY A 2 -11.79 8.14 -9.18
N GLN A 3 -10.52 8.30 -9.53
CA GLN A 3 -9.51 7.30 -9.22
C GLN A 3 -9.00 7.44 -7.80
N LEU A 4 -8.46 6.35 -7.26
CA LEU A 4 -7.94 6.33 -5.90
C LEU A 4 -6.95 7.46 -5.69
N ASP A 5 -7.45 8.59 -5.18
CA ASP A 5 -6.62 9.77 -4.94
C ASP A 5 -5.27 9.41 -4.29
N PRO A 6 -4.22 10.19 -4.57
CA PRO A 6 -2.89 9.95 -4.01
C PRO A 6 -2.85 10.15 -2.51
N ASP A 7 -3.85 10.87 -1.99
CA ASP A 7 -3.93 11.12 -0.56
C ASP A 7 -4.45 9.89 0.17
N THR A 8 -5.10 8.99 -0.56
CA THR A 8 -5.64 7.76 0.02
C THR A 8 -4.52 6.97 0.69
N ARG A 9 -4.87 6.24 1.76
CA ARG A 9 -3.88 5.46 2.49
C ARG A 9 -4.10 3.96 2.27
N ILE A 10 -3.03 3.26 1.92
CA ILE A 10 -3.10 1.83 1.68
C ILE A 10 -2.30 1.05 2.73
N PRO A 11 -2.98 0.36 3.67
CA PRO A 11 -2.30 -0.41 4.71
C PRO A 11 -1.24 -1.34 4.14
N VAL A 12 -0.13 -1.47 4.87
CA VAL A 12 0.97 -2.34 4.43
C VAL A 12 1.21 -3.46 5.42
N ILE A 13 1.77 -4.57 4.93
CA ILE A 13 2.04 -5.70 5.79
C ILE A 13 3.48 -6.19 5.64
N ASN A 14 4.19 -6.31 6.76
CA ASN A 14 5.56 -6.79 6.74
C ASN A 14 5.54 -8.32 6.76
N LEU A 15 5.91 -8.91 5.64
CA LEU A 15 5.94 -10.36 5.53
C LEU A 15 6.92 -10.95 6.52
N GLU A 16 7.97 -10.21 6.82
CA GLU A 16 8.98 -10.66 7.77
C GLU A 16 8.35 -11.15 9.08
N ASP A 17 7.30 -10.46 9.54
CA ASP A 17 6.63 -10.85 10.78
C ASP A 17 5.13 -10.70 10.69
N GLY A 18 4.59 -10.76 9.47
CA GLY A 18 3.16 -10.62 9.30
C GLY A 18 2.64 -9.30 9.84
N THR A 19 3.54 -8.34 10.03
CA THR A 19 3.16 -7.04 10.58
C THR A 19 2.18 -6.33 9.66
N ARG A 20 1.40 -5.41 10.23
CA ARG A 20 0.42 -4.67 9.46
C ARG A 20 0.43 -3.20 9.88
N LEU A 21 0.21 -2.32 8.91
CA LEU A 21 0.17 -0.89 9.20
C LEU A 21 -1.04 -0.23 8.56
N VAL A 22 -1.78 0.52 9.37
CA VAL A 22 -3.00 1.20 8.90
C VAL A 22 -3.09 2.64 9.39
N GLY A 23 -4.03 3.39 8.83
CA GLY A 23 -4.20 4.78 9.23
C GLY A 23 -2.95 5.60 9.03
N GLU A 24 -2.72 6.55 9.94
CA GLU A 24 -1.54 7.40 9.86
C GLU A 24 -0.26 6.56 9.85
N ASP A 25 -0.37 5.29 10.24
CA ASP A 25 0.78 4.40 10.27
C ASP A 25 1.10 3.87 8.87
N ALA A 26 0.12 3.94 7.97
CA ALA A 26 0.29 3.46 6.60
C ALA A 26 0.46 4.64 5.63
N PRO A 27 1.30 4.46 4.59
CA PRO A 27 1.56 5.52 3.60
C PRO A 27 0.40 5.70 2.60
N LYS A 28 0.48 6.76 1.81
CA LYS A 28 -0.55 7.04 0.80
C LYS A 28 -0.09 6.55 -0.58
N ASN A 29 -1.06 6.07 -1.36
CA ASN A 29 -0.83 5.54 -2.72
C ASN A 29 0.52 5.90 -3.37
N LYS A 30 0.96 7.15 -3.21
CA LYS A 30 2.24 7.57 -3.78
C LYS A 30 3.37 7.20 -2.85
N ASP A 31 3.16 7.48 -1.57
CA ASP A 31 4.17 7.16 -0.59
C ASP A 31 4.20 5.66 -0.41
N LEU A 32 3.10 4.98 -0.68
CA LEU A 32 3.05 3.54 -0.57
C LEU A 32 3.85 2.90 -1.68
N VAL A 33 3.71 3.41 -2.91
CA VAL A 33 4.48 2.83 -4.01
C VAL A 33 5.97 2.93 -3.70
N GLU A 34 6.42 4.13 -3.32
CA GLU A 34 7.83 4.33 -2.99
C GLU A 34 8.22 3.56 -1.73
N TRP A 35 7.42 3.71 -0.69
CA TRP A 35 7.64 3.04 0.59
C TRP A 35 7.76 1.52 0.38
N LEU A 36 6.85 1.00 -0.42
CA LEU A 36 6.83 -0.43 -0.74
C LEU A 36 8.16 -0.85 -1.35
N LYS A 37 8.57 -0.13 -2.39
CA LYS A 37 9.84 -0.44 -3.03
C LYS A 37 10.98 -0.32 -2.03
N LEU A 38 10.85 0.68 -1.15
CA LEU A 38 11.86 0.94 -0.13
C LEU A 38 12.04 -0.25 0.81
N HIS A 39 10.95 -0.98 1.08
CA HIS A 39 11.02 -2.14 1.98
C HIS A 39 10.41 -3.37 1.32
N PRO A 40 11.27 -4.23 0.70
CA PRO A 40 10.81 -5.45 0.02
C PRO A 40 10.02 -6.40 0.92
N THR A 41 10.40 -6.50 2.19
CA THR A 41 9.71 -7.39 3.12
C THR A 41 8.24 -7.04 3.26
N TYR A 42 7.88 -5.79 2.94
CA TYR A 42 6.51 -5.36 3.06
C TYR A 42 5.73 -5.59 1.76
N THR A 43 4.54 -6.13 1.90
CA THR A 43 3.66 -6.36 0.75
C THR A 43 2.35 -5.60 0.94
N VAL A 44 1.77 -5.12 -0.16
CA VAL A 44 0.52 -4.37 -0.09
C VAL A 44 -0.58 -5.16 0.61
N ASP A 45 -1.19 -4.56 1.63
CA ASP A 45 -2.26 -5.20 2.38
C ASP A 45 -3.60 -4.51 2.14
N MET A 46 -4.42 -5.09 1.26
CA MET A 46 -5.72 -4.52 0.95
C MET A 46 -6.75 -5.62 0.69
N PRO A 47 -8.05 -5.32 0.93
CA PRO A 47 -9.13 -6.28 0.72
C PRO A 47 -9.27 -6.69 -0.74
N SER A 48 -9.38 -5.69 -1.61
CA SER A 48 -9.51 -5.93 -3.04
C SER A 48 -8.32 -5.35 -3.80
N TYR A 49 -8.20 -4.03 -3.75
CA TYR A 49 -7.10 -3.34 -4.42
C TYR A 49 -7.21 -3.51 -5.93
N VAL A 50 -7.42 -2.40 -6.64
CA VAL A 50 -7.53 -2.43 -8.09
C VAL A 50 -6.32 -1.79 -8.75
N PRO A 51 -5.53 -2.57 -9.51
CA PRO A 51 -4.33 -2.06 -10.18
C PRO A 51 -4.63 -0.85 -11.05
N LYS A 52 -3.58 -0.10 -11.40
CA LYS A 52 -3.74 1.09 -12.22
C LYS A 52 -4.33 0.75 -13.58
N ASN A 53 -4.75 1.78 -14.31
CA ASN A 53 -5.35 1.59 -15.63
C ASN A 53 -4.33 1.86 -16.73
N ALA A 54 -4.24 0.93 -17.68
CA ALA A 54 -3.31 1.06 -18.79
C ALA A 54 -3.83 0.36 -20.04
N ASP A 55 -3.62 0.98 -21.20
CA ASP A 55 -4.08 0.42 -22.47
C ASP A 55 -3.06 -0.56 -23.02
N SER A 1 -13.05 5.77 -14.07
CA SER A 1 -14.26 5.81 -13.21
C SER A 1 -13.88 5.89 -11.74
N GLY A 2 -13.29 4.81 -11.22
CA GLY A 2 -12.89 4.78 -9.83
C GLY A 2 -11.80 5.80 -9.51
N GLN A 3 -10.56 5.46 -9.86
CA GLN A 3 -9.42 6.34 -9.61
C GLN A 3 -9.17 6.48 -8.12
N LEU A 4 -8.04 5.93 -7.67
CA LEU A 4 -7.67 5.99 -6.25
C LEU A 4 -6.77 7.19 -6.00
N ASP A 5 -7.34 8.28 -5.51
CA ASP A 5 -6.59 9.50 -5.23
C ASP A 5 -5.27 9.20 -4.52
N PRO A 6 -4.26 10.07 -4.72
CA PRO A 6 -2.94 9.89 -4.11
C PRO A 6 -2.96 10.11 -2.59
N ASP A 7 -3.96 10.84 -2.11
CA ASP A 7 -4.09 11.12 -0.69
C ASP A 7 -4.58 9.89 0.06
N THR A 8 -5.25 9.00 -0.67
CA THR A 8 -5.79 7.78 -0.07
C THR A 8 -4.67 7.01 0.64
N ARG A 9 -5.01 6.33 1.73
CA ARG A 9 -4.03 5.57 2.49
C ARG A 9 -4.24 4.07 2.32
N ILE A 10 -3.15 3.36 2.04
CA ILE A 10 -3.20 1.92 1.85
C ILE A 10 -2.31 1.21 2.88
N PRO A 11 -2.91 0.42 3.78
CA PRO A 11 -2.17 -0.30 4.81
C PRO A 11 -1.14 -1.27 4.23
N VAL A 12 -0.02 -1.41 4.92
CA VAL A 12 1.05 -2.31 4.48
C VAL A 12 1.39 -3.32 5.56
N ILE A 13 1.81 -4.51 5.15
CA ILE A 13 2.15 -5.57 6.10
C ILE A 13 3.56 -6.13 5.85
N ASN A 14 4.38 -6.15 6.89
CA ASN A 14 5.72 -6.70 6.80
C ASN A 14 5.64 -8.22 6.90
N LEU A 15 5.90 -8.88 5.77
CA LEU A 15 5.86 -10.33 5.72
C LEU A 15 6.86 -10.93 6.68
N GLU A 16 7.96 -10.21 6.91
CA GLU A 16 8.99 -10.69 7.82
C GLU A 16 8.40 -11.13 9.15
N ASP A 17 7.38 -10.42 9.63
CA ASP A 17 6.75 -10.76 10.90
C ASP A 17 5.23 -10.60 10.85
N GLY A 18 4.66 -10.61 9.65
CA GLY A 18 3.22 -10.45 9.51
C GLY A 18 2.74 -9.15 10.11
N THR A 19 3.65 -8.21 10.32
CA THR A 19 3.31 -6.93 10.93
C THR A 19 2.41 -6.12 10.02
N ARG A 20 1.33 -5.56 10.57
CA ARG A 20 0.41 -4.76 9.77
C ARG A 20 0.55 -3.28 10.09
N LEU A 21 0.19 -2.43 9.13
CA LEU A 21 0.26 -1.00 9.31
C LEU A 21 -0.94 -0.31 8.67
N VAL A 22 -1.76 0.30 9.52
CA VAL A 22 -2.97 0.99 9.06
C VAL A 22 -3.05 2.39 9.65
N GLY A 23 -3.92 3.22 9.09
CA GLY A 23 -4.08 4.57 9.59
C GLY A 23 -2.82 5.40 9.45
N GLU A 24 -2.34 5.94 10.56
CA GLU A 24 -1.14 6.77 10.55
C GLU A 24 0.10 5.94 10.22
N ASP A 25 -0.02 4.61 10.34
CA ASP A 25 1.11 3.72 10.04
C ASP A 25 1.12 3.32 8.58
N ALA A 26 0.07 3.69 7.84
CA ALA A 26 -0.02 3.34 6.42
C ALA A 26 0.23 4.56 5.54
N PRO A 27 1.11 4.44 4.54
CA PRO A 27 1.42 5.54 3.62
C PRO A 27 0.31 5.77 2.59
N LYS A 28 0.41 6.87 1.85
CA LYS A 28 -0.58 7.19 0.82
C LYS A 28 -0.16 6.60 -0.52
N ASN A 29 -1.12 6.04 -1.24
CA ASN A 29 -0.91 5.40 -2.56
C ASN A 29 0.39 5.82 -3.30
N LYS A 30 0.78 7.09 -3.19
CA LYS A 30 2.02 7.53 -3.83
C LYS A 30 3.21 7.20 -2.95
N ASP A 31 3.05 7.50 -1.67
CA ASP A 31 4.08 7.20 -0.72
C ASP A 31 4.15 5.70 -0.52
N LEU A 32 3.04 5.01 -0.76
CA LEU A 32 2.99 3.57 -0.62
C LEU A 32 3.77 2.92 -1.74
N VAL A 33 3.62 3.42 -2.97
CA VAL A 33 4.38 2.86 -4.08
C VAL A 33 5.87 2.97 -3.79
N GLU A 34 6.33 4.18 -3.46
CA GLU A 34 7.74 4.40 -3.15
C GLU A 34 8.15 3.61 -1.91
N TRP A 35 7.34 3.74 -0.87
CA TRP A 35 7.57 3.05 0.41
C TRP A 35 7.69 1.55 0.20
N LEU A 36 6.82 1.02 -0.66
CA LEU A 36 6.80 -0.39 -0.99
C LEU A 36 8.14 -0.81 -1.57
N LYS A 37 8.59 -0.09 -2.59
CA LYS A 37 9.87 -0.39 -3.22
C LYS A 37 10.98 -0.28 -2.18
N LEU A 38 10.82 0.68 -1.27
CA LEU A 38 11.80 0.93 -0.22
C LEU A 38 11.92 -0.26 0.73
N HIS A 39 10.83 -0.98 0.95
CA HIS A 39 10.86 -2.14 1.85
C HIS A 39 10.24 -3.38 1.19
N PRO A 40 11.08 -4.25 0.59
CA PRO A 40 10.60 -5.46 -0.09
C PRO A 40 9.85 -6.42 0.83
N THR A 41 10.26 -6.50 2.09
CA THR A 41 9.59 -7.41 3.04
C THR A 41 8.14 -7.03 3.25
N TYR A 42 7.77 -5.80 2.91
CA TYR A 42 6.40 -5.35 3.08
C TYR A 42 5.56 -5.64 1.85
N THR A 43 4.37 -6.19 2.06
CA THR A 43 3.45 -6.49 0.97
C THR A 43 2.17 -5.70 1.15
N VAL A 44 1.65 -5.15 0.06
CA VAL A 44 0.43 -4.35 0.10
C VAL A 44 -0.73 -5.14 0.71
N ASP A 45 -1.38 -4.55 1.70
CA ASP A 45 -2.51 -5.19 2.37
C ASP A 45 -3.80 -4.42 2.10
N MET A 46 -4.57 -4.87 1.11
CA MET A 46 -5.82 -4.20 0.78
C MET A 46 -6.76 -5.14 0.01
N PRO A 47 -7.85 -5.60 0.65
CA PRO A 47 -8.83 -6.49 0.01
C PRO A 47 -9.64 -5.76 -1.06
N SER A 48 -8.94 -5.25 -2.07
CA SER A 48 -9.59 -4.52 -3.16
C SER A 48 -8.57 -3.97 -4.15
N TYR A 49 -7.37 -3.68 -3.66
CA TYR A 49 -6.29 -3.15 -4.51
C TYR A 49 -6.18 -3.94 -5.81
N VAL A 50 -5.71 -3.28 -6.87
CA VAL A 50 -5.56 -3.90 -8.17
C VAL A 50 -4.18 -3.60 -8.79
N PRO A 51 -3.34 -4.62 -8.98
CA PRO A 51 -2.00 -4.43 -9.57
C PRO A 51 -2.06 -3.83 -10.97
N LYS A 52 -0.89 -3.55 -11.53
CA LYS A 52 -0.76 -2.97 -12.87
C LYS A 52 -0.97 -1.46 -12.86
N ASN A 53 -1.57 -0.94 -11.79
CA ASN A 53 -1.82 0.50 -11.68
C ASN A 53 -0.54 1.24 -11.31
N ALA A 54 0.18 0.72 -10.33
CA ALA A 54 1.42 1.34 -9.88
C ALA A 54 2.57 1.03 -10.83
N ASP A 55 2.98 2.03 -11.60
CA ASP A 55 4.07 1.86 -12.55
C ASP A 55 5.36 2.44 -12.01
N SER A 1 -6.98 11.77 -13.20
CA SER A 1 -8.06 12.40 -12.40
C SER A 1 -9.17 11.40 -12.07
N GLY A 2 -9.02 10.70 -10.96
CA GLY A 2 -10.01 9.73 -10.55
C GLY A 2 -9.39 8.54 -9.84
N GLN A 3 -10.14 7.44 -9.77
CA GLN A 3 -9.66 6.23 -9.12
C GLN A 3 -9.36 6.49 -7.63
N LEU A 4 -8.20 6.06 -7.15
CA LEU A 4 -7.83 6.25 -5.76
C LEU A 4 -6.83 7.40 -5.63
N ASP A 5 -7.32 8.56 -5.19
CA ASP A 5 -6.49 9.74 -5.02
C ASP A 5 -5.17 9.42 -4.30
N PRO A 6 -4.07 10.07 -4.70
CA PRO A 6 -2.75 9.84 -4.08
C PRO A 6 -2.77 10.07 -2.57
N ASP A 7 -3.77 10.82 -2.10
CA ASP A 7 -3.90 11.10 -0.68
C ASP A 7 -4.42 9.89 0.07
N THR A 8 -5.10 9.00 -0.63
CA THR A 8 -5.65 7.79 -0.02
C THR A 8 -4.55 7.01 0.70
N ARG A 9 -4.93 6.29 1.74
CA ARG A 9 -3.96 5.51 2.51
C ARG A 9 -4.15 4.01 2.28
N ILE A 10 -3.06 3.33 1.94
CA ILE A 10 -3.10 1.89 1.69
C ILE A 10 -2.33 1.14 2.78
N PRO A 11 -3.03 0.30 3.57
CA PRO A 11 -2.39 -0.48 4.65
C PRO A 11 -1.30 -1.39 4.12
N VAL A 12 -0.21 -1.52 4.87
CA VAL A 12 0.90 -2.38 4.46
C VAL A 12 1.15 -3.50 5.47
N ILE A 13 1.70 -4.60 5.00
CA ILE A 13 1.98 -5.73 5.87
C ILE A 13 3.43 -6.21 5.71
N ASN A 14 4.14 -6.31 6.83
CA ASN A 14 5.53 -6.79 6.81
C ASN A 14 5.50 -8.31 6.80
N LEU A 15 5.88 -8.90 5.67
CA LEU A 15 5.89 -10.35 5.55
C LEU A 15 6.85 -10.98 6.55
N GLU A 16 8.00 -10.36 6.75
CA GLU A 16 9.00 -10.88 7.67
C GLU A 16 8.40 -11.17 9.06
N ASP A 17 7.37 -10.43 9.47
CA ASP A 17 6.78 -10.66 10.79
C ASP A 17 5.26 -10.52 10.78
N GLY A 18 4.65 -10.68 9.60
CA GLY A 18 3.21 -10.57 9.51
C GLY A 18 2.71 -9.22 10.01
N THR A 19 3.62 -8.26 10.11
CA THR A 19 3.27 -6.92 10.61
C THR A 19 2.22 -6.26 9.73
N ARG A 20 1.47 -5.33 10.30
CA ARG A 20 0.44 -4.63 9.58
C ARG A 20 0.45 -3.14 9.95
N LEU A 21 0.20 -2.29 8.98
CA LEU A 21 0.18 -0.85 9.23
C LEU A 21 -1.03 -0.18 8.59
N VAL A 22 -1.76 0.58 9.39
CA VAL A 22 -2.97 1.27 8.91
C VAL A 22 -3.07 2.69 9.44
N GLY A 23 -3.98 3.47 8.86
CA GLY A 23 -4.16 4.84 9.28
C GLY A 23 -2.90 5.66 9.10
N GLU A 24 -2.67 6.60 10.01
CA GLU A 24 -1.49 7.43 9.97
C GLU A 24 -0.22 6.59 9.95
N ASP A 25 -0.34 5.32 10.32
CA ASP A 25 0.81 4.41 10.35
C ASP A 25 1.11 3.89 8.95
N ALA A 26 0.13 3.97 8.05
CA ALA A 26 0.31 3.50 6.67
C ALA A 26 0.45 4.67 5.71
N PRO A 27 1.30 4.52 4.67
CA PRO A 27 1.52 5.56 3.67
C PRO A 27 0.37 5.71 2.67
N LYS A 28 0.42 6.78 1.87
CA LYS A 28 -0.60 7.03 0.86
C LYS A 28 -0.15 6.54 -0.51
N ASN A 29 -1.11 6.07 -1.29
CA ASN A 29 -0.87 5.53 -2.66
C ASN A 29 0.48 5.93 -3.29
N LYS A 30 0.89 7.18 -3.13
CA LYS A 30 2.18 7.61 -3.69
C LYS A 30 3.33 7.25 -2.76
N ASP A 31 3.14 7.51 -1.47
CA ASP A 31 4.15 7.18 -0.52
C ASP A 31 4.21 5.67 -0.36
N LEU A 32 3.09 5.00 -0.63
CA LEU A 32 3.03 3.55 -0.54
C LEU A 32 3.83 2.93 -1.67
N VAL A 33 3.68 3.45 -2.89
CA VAL A 33 4.44 2.91 -4.00
C VAL A 33 5.93 3.00 -3.70
N GLU A 34 6.40 4.20 -3.32
CA GLU A 34 7.81 4.39 -3.00
C GLU A 34 8.21 3.59 -1.76
N TRP A 35 7.41 3.73 -0.71
CA TRP A 35 7.65 3.04 0.56
C TRP A 35 7.75 1.53 0.34
N LEU A 36 6.83 1.01 -0.47
CA LEU A 36 6.79 -0.41 -0.79
C LEU A 36 8.11 -0.83 -1.42
N LYS A 37 8.54 -0.10 -2.46
CA LYS A 37 9.81 -0.40 -3.11
C LYS A 37 10.94 -0.30 -2.10
N LEU A 38 10.84 0.69 -1.22
CA LEU A 38 11.83 0.93 -0.20
C LEU A 38 12.02 -0.26 0.73
N HIS A 39 10.94 -1.00 0.98
CA HIS A 39 11.01 -2.18 1.85
C HIS A 39 10.43 -3.42 1.15
N PRO A 40 11.31 -4.25 0.56
CA PRO A 40 10.90 -5.47 -0.16
C PRO A 40 10.15 -6.49 0.70
N THR A 41 10.35 -6.43 2.02
CA THR A 41 9.67 -7.38 2.91
C THR A 41 8.20 -7.02 3.12
N TYR A 42 7.83 -5.79 2.79
CA TYR A 42 6.45 -5.36 2.96
C TYR A 42 5.63 -5.64 1.72
N THR A 43 4.44 -6.17 1.92
CA THR A 43 3.53 -6.45 0.81
C THR A 43 2.21 -5.71 1.02
N VAL A 44 1.61 -5.23 -0.06
CA VAL A 44 0.35 -4.48 0.02
C VAL A 44 -0.74 -5.29 0.72
N ASP A 45 -1.33 -4.70 1.75
CA ASP A 45 -2.39 -5.37 2.52
C ASP A 45 -3.74 -4.70 2.28
N MET A 46 -4.54 -5.27 1.39
CA MET A 46 -5.85 -4.72 1.09
C MET A 46 -6.79 -5.81 0.57
N PRO A 47 -8.11 -5.63 0.78
CA PRO A 47 -9.13 -6.61 0.34
C PRO A 47 -9.14 -6.80 -1.17
N SER A 48 -9.35 -5.71 -1.90
CA SER A 48 -9.40 -5.76 -3.36
C SER A 48 -8.15 -5.14 -3.97
N TYR A 49 -8.04 -3.82 -3.84
CA TYR A 49 -6.90 -3.09 -4.39
C TYR A 49 -6.85 -3.23 -5.91
N VAL A 50 -6.93 -2.09 -6.60
CA VAL A 50 -6.89 -2.09 -8.06
C VAL A 50 -5.55 -1.55 -8.56
N PRO A 51 -4.76 -2.39 -9.26
CA PRO A 51 -3.45 -1.99 -9.79
C PRO A 51 -3.57 -1.29 -11.13
N LYS A 52 -4.63 -1.62 -11.88
CA LYS A 52 -4.84 -1.01 -13.19
C LYS A 52 -3.73 -1.40 -14.16
N ASN A 53 -4.12 -1.84 -15.35
CA ASN A 53 -3.15 -2.25 -16.37
C ASN A 53 -3.83 -2.45 -17.71
N ALA A 54 -3.04 -2.46 -18.78
CA ALA A 54 -3.56 -2.65 -20.13
C ALA A 54 -3.16 -4.00 -20.69
N ASP A 55 -4.14 -4.87 -20.88
CA ASP A 55 -3.89 -6.21 -21.41
C ASP A 55 -5.06 -6.68 -22.28
N SER A 1 -10.35 11.85 -15.96
CA SER A 1 -9.57 10.76 -15.31
C SER A 1 -10.36 10.13 -14.17
N GLY A 2 -10.14 8.85 -13.94
CA GLY A 2 -10.84 8.14 -12.88
C GLY A 2 -9.99 7.05 -12.28
N GLN A 3 -9.23 7.38 -11.24
CA GLN A 3 -8.37 6.43 -10.57
C GLN A 3 -8.49 6.56 -9.05
N LEU A 4 -7.39 6.28 -8.32
CA LEU A 4 -7.39 6.38 -6.87
C LEU A 4 -6.54 7.56 -6.42
N ASP A 5 -7.19 8.58 -5.87
CA ASP A 5 -6.51 9.79 -5.41
C ASP A 5 -5.23 9.46 -4.63
N PRO A 6 -4.14 10.21 -4.87
CA PRO A 6 -2.87 9.99 -4.18
C PRO A 6 -3.00 10.07 -2.66
N ASP A 7 -4.08 10.70 -2.20
CA ASP A 7 -4.32 10.83 -0.77
C ASP A 7 -4.79 9.51 -0.18
N THR A 8 -5.31 8.63 -1.04
CA THR A 8 -5.79 7.33 -0.62
C THR A 8 -4.69 6.58 0.14
N ARG A 9 -5.08 5.79 1.14
CA ARG A 9 -4.12 5.04 1.94
C ARG A 9 -4.30 3.54 1.80
N ILE A 10 -3.19 2.83 1.61
CA ILE A 10 -3.23 1.38 1.46
C ILE A 10 -2.41 0.70 2.56
N PRO A 11 -3.04 -0.20 3.34
CA PRO A 11 -2.34 -0.90 4.43
C PRO A 11 -1.18 -1.74 3.91
N VAL A 12 -0.14 -1.86 4.74
CA VAL A 12 1.04 -2.65 4.37
C VAL A 12 1.37 -3.67 5.44
N ILE A 13 1.79 -4.85 5.01
CA ILE A 13 2.14 -5.92 5.94
C ILE A 13 3.60 -6.35 5.79
N ASN A 14 4.33 -6.37 6.90
CA ASN A 14 5.73 -6.79 6.87
C ASN A 14 5.78 -8.31 7.01
N LEU A 15 6.11 -8.99 5.92
CA LEU A 15 6.21 -10.44 5.93
C LEU A 15 7.28 -10.90 6.90
N GLU A 16 8.31 -10.07 7.07
CA GLU A 16 9.39 -10.39 7.98
C GLU A 16 8.86 -10.82 9.34
N ASP A 17 7.78 -10.17 9.80
CA ASP A 17 7.20 -10.51 11.10
C ASP A 17 5.66 -10.47 11.06
N GLY A 18 5.10 -10.66 9.87
CA GLY A 18 3.65 -10.63 9.74
C GLY A 18 3.05 -9.31 10.20
N THR A 19 3.91 -8.30 10.35
CA THR A 19 3.46 -6.99 10.82
C THR A 19 2.39 -6.41 9.90
N ARG A 20 1.50 -5.62 10.48
CA ARG A 20 0.44 -4.97 9.72
C ARG A 20 0.45 -3.47 9.97
N LEU A 21 0.04 -2.69 8.97
CA LEU A 21 0.02 -1.24 9.11
C LEU A 21 -1.21 -0.64 8.44
N VAL A 22 -2.10 -0.10 9.25
CA VAL A 22 -3.33 0.51 8.77
C VAL A 22 -3.51 1.91 9.34
N GLY A 23 -4.35 2.71 8.69
CA GLY A 23 -4.59 4.06 9.16
C GLY A 23 -3.36 4.94 9.08
N GLU A 24 -2.95 5.49 10.21
CA GLU A 24 -1.78 6.35 10.26
C GLU A 24 -0.51 5.55 9.99
N ASP A 25 -0.60 4.22 10.06
CA ASP A 25 0.57 3.37 9.82
C ASP A 25 0.69 2.99 8.34
N ALA A 26 -0.34 3.29 7.55
CA ALA A 26 -0.32 2.95 6.14
C ALA A 26 -0.09 4.19 5.27
N PRO A 27 0.87 4.11 4.32
CA PRO A 27 1.18 5.23 3.42
C PRO A 27 0.10 5.45 2.35
N LYS A 28 0.21 6.56 1.63
CA LYS A 28 -0.75 6.88 0.58
C LYS A 28 -0.22 6.39 -0.77
N ASN A 29 -1.13 5.87 -1.60
CA ASN A 29 -0.81 5.34 -2.95
C ASN A 29 0.54 5.82 -3.53
N LYS A 30 0.88 7.08 -3.32
CA LYS A 30 2.15 7.60 -3.81
C LYS A 30 3.28 7.24 -2.85
N ASP A 31 3.02 7.46 -1.56
CA ASP A 31 4.00 7.14 -0.56
C ASP A 31 4.09 5.64 -0.43
N LEU A 32 3.02 4.92 -0.77
CA LEU A 32 3.02 3.48 -0.71
C LEU A 32 3.88 2.92 -1.82
N VAL A 33 3.79 3.50 -3.01
CA VAL A 33 4.62 3.03 -4.11
C VAL A 33 6.09 3.14 -3.72
N GLU A 34 6.51 4.34 -3.30
CA GLU A 34 7.90 4.55 -2.90
C GLU A 34 8.25 3.73 -1.65
N TRP A 35 7.37 3.79 -0.66
CA TRP A 35 7.55 3.07 0.59
C TRP A 35 7.70 1.57 0.33
N LEU A 36 6.89 1.07 -0.60
CA LEU A 36 6.92 -0.33 -0.99
C LEU A 36 8.31 -0.70 -1.50
N LYS A 37 8.79 0.05 -2.48
CA LYS A 37 10.11 -0.20 -3.05
C LYS A 37 11.17 -0.08 -1.96
N LEU A 38 10.94 0.86 -1.04
CA LEU A 38 11.86 1.11 0.06
C LEU A 38 12.02 -0.09 0.98
N HIS A 39 10.94 -0.84 1.19
CA HIS A 39 11.00 -2.01 2.06
C HIS A 39 10.47 -3.27 1.36
N PRO A 40 11.39 -4.10 0.81
CA PRO A 40 11.02 -5.33 0.10
C PRO A 40 10.33 -6.36 0.98
N THR A 41 10.55 -6.31 2.29
CA THR A 41 9.93 -7.26 3.20
C THR A 41 8.44 -7.00 3.35
N TYR A 42 7.99 -5.82 2.92
CA TYR A 42 6.59 -5.49 3.04
C TYR A 42 5.79 -5.92 1.82
N THR A 43 4.66 -6.55 2.09
CA THR A 43 3.77 -7.02 1.05
C THR A 43 2.50 -6.17 1.07
N VAL A 44 2.10 -5.68 -0.10
CA VAL A 44 0.92 -4.83 -0.21
C VAL A 44 -0.32 -5.48 0.37
N ASP A 45 -1.00 -4.75 1.25
CA ASP A 45 -2.22 -5.23 1.87
C ASP A 45 -3.38 -4.30 1.52
N MET A 46 -4.14 -4.67 0.49
CA MET A 46 -5.25 -3.84 0.04
C MET A 46 -6.60 -4.50 0.30
N PRO A 47 -7.30 -4.06 1.37
CA PRO A 47 -8.60 -4.60 1.72
C PRO A 47 -9.73 -3.86 1.00
N SER A 48 -9.58 -3.70 -0.31
CA SER A 48 -10.57 -3.02 -1.15
C SER A 48 -9.93 -2.41 -2.40
N TYR A 49 -8.72 -1.87 -2.23
CA TYR A 49 -7.99 -1.23 -3.33
C TYR A 49 -7.78 -2.15 -4.53
N VAL A 50 -8.88 -2.57 -5.14
CA VAL A 50 -8.81 -3.44 -6.30
C VAL A 50 -8.97 -2.61 -7.58
N PRO A 51 -7.93 -2.55 -8.43
CA PRO A 51 -7.97 -1.77 -9.66
C PRO A 51 -8.87 -2.41 -10.72
N LYS A 52 -8.84 -3.74 -10.80
CA LYS A 52 -9.65 -4.47 -11.76
C LYS A 52 -9.30 -4.06 -13.19
N ASN A 53 -9.89 -2.96 -13.66
CA ASN A 53 -9.64 -2.48 -15.00
C ASN A 53 -9.77 -0.95 -15.07
N ALA A 54 -10.83 -0.44 -14.44
CA ALA A 54 -11.08 1.01 -14.41
C ALA A 54 -11.52 1.51 -15.79
N ASP A 55 -12.71 2.09 -15.85
CA ASP A 55 -13.24 2.62 -17.09
C ASP A 55 -13.34 1.53 -18.15
N SER A 1 -12.53 0.95 -13.53
CA SER A 1 -12.62 2.43 -13.43
C SER A 1 -11.28 3.05 -13.05
N GLY A 2 -10.61 2.44 -12.07
CA GLY A 2 -9.32 2.95 -11.63
C GLY A 2 -9.38 4.41 -11.20
N GLN A 3 -8.26 5.10 -11.34
CA GLN A 3 -8.19 6.51 -10.96
C GLN A 3 -8.44 6.69 -9.47
N LEU A 4 -7.39 6.53 -8.68
CA LEU A 4 -7.48 6.67 -7.23
C LEU A 4 -6.93 8.02 -6.79
N ASP A 5 -7.06 8.32 -5.51
CA ASP A 5 -6.58 9.58 -4.95
C ASP A 5 -5.27 9.35 -4.21
N PRO A 6 -4.20 10.12 -4.54
CA PRO A 6 -2.90 9.99 -3.88
C PRO A 6 -3.00 10.13 -2.37
N ASP A 7 -4.04 10.82 -1.89
CA ASP A 7 -4.23 11.02 -0.47
C ASP A 7 -4.71 9.74 0.21
N THR A 8 -5.31 8.85 -0.58
CA THR A 8 -5.80 7.58 -0.05
C THR A 8 -4.68 6.82 0.66
N ARG A 9 -5.03 6.14 1.75
CA ARG A 9 -4.04 5.39 2.51
C ARG A 9 -4.15 3.89 2.23
N ILE A 10 -3.03 3.25 1.93
CA ILE A 10 -3.01 1.83 1.64
C ILE A 10 -2.25 1.05 2.70
N PRO A 11 -2.95 0.39 3.65
CA PRO A 11 -2.30 -0.39 4.70
C PRO A 11 -1.25 -1.35 4.15
N VAL A 12 -0.14 -1.47 4.87
CA VAL A 12 0.94 -2.37 4.46
C VAL A 12 1.23 -3.42 5.51
N ILE A 13 1.72 -4.58 5.06
CA ILE A 13 2.03 -5.67 5.97
C ILE A 13 3.46 -6.18 5.75
N ASN A 14 4.24 -6.24 6.84
CA ASN A 14 5.61 -6.74 6.78
C ASN A 14 5.58 -8.25 6.87
N LEU A 15 5.87 -8.92 5.77
CA LEU A 15 5.89 -10.37 5.74
C LEU A 15 6.94 -10.91 6.69
N GLU A 16 8.02 -10.14 6.87
CA GLU A 16 9.09 -10.56 7.76
C GLU A 16 8.54 -10.97 9.13
N ASP A 17 7.53 -10.26 9.62
CA ASP A 17 6.96 -10.59 10.94
C ASP A 17 5.44 -10.43 10.94
N GLY A 18 4.83 -10.54 9.78
CA GLY A 18 3.38 -10.41 9.68
C GLY A 18 2.91 -9.05 10.20
N THR A 19 3.85 -8.11 10.29
CA THR A 19 3.53 -6.77 10.78
C THR A 19 2.47 -6.11 9.92
N ARG A 20 1.61 -5.31 10.54
CA ARG A 20 0.56 -4.63 9.80
C ARG A 20 0.57 -3.15 10.11
N LEU A 21 0.25 -2.32 9.12
CA LEU A 21 0.23 -0.88 9.31
C LEU A 21 -1.00 -0.26 8.65
N VAL A 22 -1.88 0.28 9.47
CA VAL A 22 -3.10 0.92 9.00
C VAL A 22 -3.25 2.31 9.59
N GLY A 23 -4.11 3.13 8.99
CA GLY A 23 -4.31 4.48 9.48
C GLY A 23 -3.07 5.32 9.36
N GLU A 24 -2.65 5.91 10.49
CA GLU A 24 -1.46 6.75 10.52
C GLU A 24 -0.19 5.94 10.25
N ASP A 25 -0.29 4.61 10.33
CA ASP A 25 0.87 3.76 10.10
C ASP A 25 0.99 3.36 8.63
N ALA A 26 -0.04 3.65 7.83
CA ALA A 26 -0.01 3.30 6.42
C ALA A 26 0.23 4.54 5.55
N PRO A 27 1.14 4.43 4.56
CA PRO A 27 1.46 5.54 3.66
C PRO A 27 0.37 5.79 2.60
N LYS A 28 0.49 6.90 1.89
CA LYS A 28 -0.47 7.26 0.85
C LYS A 28 -0.04 6.66 -0.49
N ASN A 29 -1.01 6.12 -1.23
CA ASN A 29 -0.79 5.48 -2.55
C ASN A 29 0.52 5.90 -3.26
N LYS A 30 0.90 7.17 -3.13
CA LYS A 30 2.13 7.63 -3.76
C LYS A 30 3.33 7.27 -2.88
N ASP A 31 3.19 7.54 -1.60
CA ASP A 31 4.22 7.20 -0.66
C ASP A 31 4.27 5.69 -0.49
N LEU A 32 3.14 5.02 -0.75
CA LEU A 32 3.08 3.58 -0.63
C LEU A 32 3.86 2.94 -1.76
N VAL A 33 3.73 3.47 -2.98
CA VAL A 33 4.48 2.93 -4.09
C VAL A 33 5.98 3.02 -3.80
N GLU A 34 6.43 4.23 -3.43
CA GLU A 34 7.85 4.42 -3.11
C GLU A 34 8.25 3.60 -1.88
N TRP A 35 7.45 3.74 -0.83
CA TRP A 35 7.67 3.04 0.44
C TRP A 35 7.76 1.53 0.20
N LEU A 36 6.88 1.04 -0.65
CA LEU A 36 6.84 -0.37 -1.00
C LEU A 36 8.17 -0.80 -1.58
N LYS A 37 8.63 -0.07 -2.59
CA LYS A 37 9.92 -0.38 -3.21
C LYS A 37 11.03 -0.29 -2.17
N LEU A 38 10.88 0.67 -1.25
CA LEU A 38 11.85 0.89 -0.19
C LEU A 38 11.98 -0.32 0.73
N HIS A 39 10.89 -1.04 0.95
CA HIS A 39 10.92 -2.22 1.83
C HIS A 39 10.32 -3.45 1.13
N PRO A 40 11.17 -4.30 0.54
CA PRO A 40 10.72 -5.50 -0.17
C PRO A 40 10.01 -6.51 0.73
N THR A 41 10.26 -6.46 2.03
CA THR A 41 9.63 -7.39 2.97
C THR A 41 8.16 -7.05 3.17
N TYR A 42 7.76 -5.82 2.81
CA TYR A 42 6.39 -5.41 2.99
C TYR A 42 5.55 -5.72 1.75
N THR A 43 4.37 -6.27 1.97
CA THR A 43 3.45 -6.57 0.88
C THR A 43 2.15 -5.80 1.09
N VAL A 44 1.62 -5.24 0.01
CA VAL A 44 0.39 -4.45 0.07
C VAL A 44 -0.76 -5.23 0.68
N ASP A 45 -1.40 -4.65 1.70
CA ASP A 45 -2.53 -5.29 2.36
C ASP A 45 -3.80 -4.48 2.14
N MET A 46 -4.64 -4.94 1.22
CA MET A 46 -5.89 -4.24 0.91
C MET A 46 -6.90 -5.17 0.23
N PRO A 47 -7.96 -5.58 0.95
CA PRO A 47 -9.00 -6.46 0.40
C PRO A 47 -9.84 -5.75 -0.64
N SER A 48 -9.20 -5.31 -1.72
CA SER A 48 -9.89 -4.59 -2.79
C SER A 48 -8.92 -4.14 -3.88
N TYR A 49 -7.67 -3.88 -3.48
CA TYR A 49 -6.63 -3.43 -4.42
C TYR A 49 -6.70 -4.21 -5.72
N VAL A 50 -6.35 -3.54 -6.82
CA VAL A 50 -6.37 -4.19 -8.14
C VAL A 50 -5.09 -3.88 -8.90
N PRO A 51 -4.27 -4.91 -9.21
CA PRO A 51 -3.02 -4.74 -9.95
C PRO A 51 -3.24 -4.06 -11.31
N LYS A 52 -2.37 -3.11 -11.63
CA LYS A 52 -2.46 -2.39 -12.90
C LYS A 52 -1.91 -3.23 -14.05
N ASN A 53 -0.82 -3.95 -13.77
CA ASN A 53 -0.19 -4.80 -14.78
C ASN A 53 0.93 -5.63 -14.17
N ALA A 54 1.57 -6.46 -14.98
CA ALA A 54 2.66 -7.31 -14.53
C ALA A 54 3.93 -6.48 -14.31
N ASP A 55 4.29 -5.68 -15.29
CA ASP A 55 5.49 -4.84 -15.21
C ASP A 55 5.27 -3.70 -14.21
N SER A 1 -15.11 9.57 -8.60
CA SER A 1 -15.41 8.13 -8.43
C SER A 1 -14.74 7.29 -9.51
N GLY A 2 -13.81 6.43 -9.10
CA GLY A 2 -13.10 5.59 -10.04
C GLY A 2 -11.61 5.83 -10.03
N GLN A 3 -11.17 6.87 -9.34
CA GLN A 3 -9.75 7.20 -9.25
C GLN A 3 -9.29 7.28 -7.81
N LEU A 4 -8.31 6.46 -7.45
CA LEU A 4 -7.78 6.45 -6.09
C LEU A 4 -6.83 7.62 -5.87
N ASP A 5 -7.36 8.74 -5.38
CA ASP A 5 -6.57 9.93 -5.15
C ASP A 5 -5.24 9.61 -4.45
N PRO A 6 -4.16 10.32 -4.81
CA PRO A 6 -2.84 10.10 -4.21
C PRO A 6 -2.85 10.28 -2.69
N ASP A 7 -3.86 10.99 -2.18
CA ASP A 7 -3.98 11.22 -0.75
C ASP A 7 -4.47 9.97 -0.02
N THR A 8 -5.11 9.09 -0.78
CA THR A 8 -5.64 7.85 -0.22
C THR A 8 -4.55 7.07 0.51
N ARG A 9 -4.95 6.31 1.54
CA ARG A 9 -4.00 5.53 2.33
C ARG A 9 -4.17 4.03 2.10
N ILE A 10 -3.07 3.35 1.84
CA ILE A 10 -3.09 1.91 1.62
C ILE A 10 -2.31 1.16 2.70
N PRO A 11 -2.97 0.28 3.47
CA PRO A 11 -2.31 -0.49 4.54
C PRO A 11 -1.20 -1.38 3.99
N VAL A 12 -0.11 -1.47 4.75
CA VAL A 12 1.02 -2.30 4.36
C VAL A 12 1.29 -3.38 5.39
N ILE A 13 1.70 -4.55 4.91
CA ILE A 13 1.99 -5.67 5.81
C ILE A 13 3.42 -6.18 5.64
N ASN A 14 4.15 -6.27 6.76
CA ASN A 14 5.51 -6.78 6.73
C ASN A 14 5.47 -8.29 6.75
N LEU A 15 5.80 -8.91 5.62
CA LEU A 15 5.81 -10.35 5.52
C LEU A 15 6.81 -10.96 6.50
N GLU A 16 7.86 -10.21 6.79
CA GLU A 16 8.88 -10.68 7.72
C GLU A 16 8.25 -11.18 9.02
N ASP A 17 7.23 -10.49 9.50
CA ASP A 17 6.56 -10.88 10.75
C ASP A 17 5.05 -10.71 10.68
N GLY A 18 4.51 -10.73 9.47
CA GLY A 18 3.07 -10.58 9.30
C GLY A 18 2.58 -9.27 9.88
N THR A 19 3.51 -8.33 10.10
CA THR A 19 3.16 -7.04 10.68
C THR A 19 2.19 -6.28 9.78
N ARG A 20 1.33 -5.47 10.37
CA ARG A 20 0.36 -4.70 9.59
C ARG A 20 0.46 -3.22 9.95
N LEU A 21 0.16 -2.37 8.97
CA LEU A 21 0.21 -0.93 9.19
C LEU A 21 -0.98 -0.24 8.54
N VAL A 22 -1.82 0.37 9.37
CA VAL A 22 -3.00 1.06 8.88
C VAL A 22 -3.11 2.46 9.50
N GLY A 23 -3.97 3.30 8.92
CA GLY A 23 -4.14 4.64 9.42
C GLY A 23 -2.87 5.47 9.32
N GLU A 24 -2.44 6.02 10.44
CA GLU A 24 -1.24 6.84 10.48
C GLU A 24 0.02 6.02 10.18
N ASP A 25 -0.10 4.69 10.26
CA ASP A 25 1.04 3.81 10.01
C ASP A 25 1.11 3.40 8.54
N ALA A 26 0.06 3.72 7.76
CA ALA A 26 0.03 3.36 6.35
C ALA A 26 0.25 4.58 5.46
N PRO A 27 1.17 4.49 4.48
CA PRO A 27 1.45 5.59 3.56
C PRO A 27 0.36 5.78 2.52
N LYS A 28 0.43 6.88 1.77
CA LYS A 28 -0.56 7.16 0.74
C LYS A 28 -0.12 6.62 -0.61
N ASN A 29 -1.08 6.10 -1.37
CA ASN A 29 -0.85 5.52 -2.72
C ASN A 29 0.49 5.92 -3.38
N LYS A 30 0.89 7.18 -3.22
CA LYS A 30 2.16 7.63 -3.80
C LYS A 30 3.32 7.27 -2.87
N ASP A 31 3.12 7.54 -1.58
CA ASP A 31 4.13 7.21 -0.62
C ASP A 31 4.18 5.71 -0.45
N LEU A 32 3.07 5.04 -0.72
CA LEU A 32 3.01 3.59 -0.61
C LEU A 32 3.81 2.96 -1.72
N VAL A 33 3.69 3.48 -2.95
CA VAL A 33 4.46 2.93 -4.05
C VAL A 33 5.95 3.03 -3.73
N GLU A 34 6.40 4.23 -3.34
CA GLU A 34 7.81 4.42 -3.00
C GLU A 34 8.20 3.64 -1.75
N TRP A 35 7.38 3.79 -0.71
CA TRP A 35 7.60 3.10 0.57
C TRP A 35 7.70 1.59 0.36
N LEU A 36 6.81 1.07 -0.48
CA LEU A 36 6.78 -0.35 -0.80
C LEU A 36 8.11 -0.78 -1.39
N LYS A 37 8.56 -0.06 -2.43
CA LYS A 37 9.83 -0.38 -3.05
C LYS A 37 10.95 -0.26 -2.04
N LEU A 38 10.82 0.72 -1.15
CA LEU A 38 11.82 0.97 -0.11
C LEU A 38 11.98 -0.22 0.83
N HIS A 39 10.89 -0.93 1.11
CA HIS A 39 10.94 -2.08 2.01
C HIS A 39 10.35 -3.33 1.34
N PRO A 40 11.19 -4.18 0.75
CA PRO A 40 10.74 -5.41 0.07
C PRO A 40 9.94 -6.35 0.97
N THR A 41 10.33 -6.45 2.24
CA THR A 41 9.62 -7.35 3.17
C THR A 41 8.15 -6.97 3.29
N TYR A 42 7.82 -5.72 2.98
CA TYR A 42 6.44 -5.28 3.09
C TYR A 42 5.69 -5.52 1.78
N THR A 43 4.49 -6.08 1.90
CA THR A 43 3.65 -6.32 0.73
C THR A 43 2.32 -5.58 0.88
N VAL A 44 1.75 -5.15 -0.23
CA VAL A 44 0.49 -4.42 -0.21
C VAL A 44 -0.59 -5.22 0.50
N ASP A 45 -1.16 -4.64 1.56
CA ASP A 45 -2.20 -5.30 2.33
C ASP A 45 -3.52 -4.54 2.25
N MET A 46 -4.47 -5.10 1.52
CA MET A 46 -5.79 -4.48 1.36
C MET A 46 -6.85 -5.52 1.03
N PRO A 47 -8.13 -5.24 1.37
CA PRO A 47 -9.24 -6.16 1.10
C PRO A 47 -9.74 -6.07 -0.33
N SER A 48 -8.82 -5.98 -1.28
CA SER A 48 -9.17 -5.89 -2.69
C SER A 48 -7.94 -5.49 -3.53
N TYR A 49 -7.60 -4.20 -3.47
CA TYR A 49 -6.45 -3.67 -4.19
C TYR A 49 -6.53 -3.98 -5.69
N VAL A 50 -6.49 -2.93 -6.50
CA VAL A 50 -6.55 -3.10 -7.95
C VAL A 50 -5.18 -2.85 -8.58
N PRO A 51 -4.58 -3.89 -9.20
CA PRO A 51 -3.27 -3.77 -9.83
C PRO A 51 -3.34 -3.15 -11.22
N LYS A 52 -3.94 -3.85 -12.17
CA LYS A 52 -4.07 -3.35 -13.53
C LYS A 52 -5.36 -3.84 -14.19
N ASN A 53 -6.31 -2.93 -14.33
CA ASN A 53 -7.61 -3.26 -14.94
C ASN A 53 -7.83 -2.45 -16.21
N ALA A 54 -8.04 -3.15 -17.32
CA ALA A 54 -8.27 -2.50 -18.60
C ALA A 54 -9.76 -2.31 -18.86
N ASP A 55 -10.51 -3.41 -18.79
CA ASP A 55 -11.95 -3.36 -19.02
C ASP A 55 -12.70 -3.23 -17.70
N SER A 1 -12.13 7.78 -15.41
CA SER A 1 -12.35 7.12 -14.09
C SER A 1 -11.30 7.55 -13.07
N GLY A 2 -11.75 8.13 -11.96
CA GLY A 2 -10.84 8.58 -10.93
C GLY A 2 -10.23 7.43 -10.15
N GLN A 3 -11.06 6.44 -9.81
CA GLN A 3 -10.59 5.29 -9.07
C GLN A 3 -9.99 5.71 -7.72
N LEU A 4 -8.73 5.35 -7.46
CA LEU A 4 -8.08 5.70 -6.20
C LEU A 4 -7.37 7.05 -6.31
N ASP A 5 -7.14 7.68 -5.17
CA ASP A 5 -6.47 8.98 -5.12
C ASP A 5 -5.11 8.84 -4.44
N PRO A 6 -4.18 9.78 -4.72
CA PRO A 6 -2.84 9.74 -4.12
C PRO A 6 -2.86 9.96 -2.62
N ASP A 7 -3.86 10.70 -2.14
CA ASP A 7 -3.97 10.98 -0.71
C ASP A 7 -4.46 9.75 0.05
N THR A 8 -5.15 8.86 -0.66
CA THR A 8 -5.68 7.64 -0.04
C THR A 8 -4.57 6.88 0.67
N ARG A 9 -4.92 6.14 1.72
CA ARG A 9 -3.95 5.39 2.48
C ARG A 9 -4.14 3.89 2.30
N ILE A 10 -3.06 3.20 1.95
CA ILE A 10 -3.09 1.75 1.75
C ILE A 10 -2.30 1.03 2.83
N PRO A 11 -2.98 0.30 3.73
CA PRO A 11 -2.30 -0.44 4.80
C PRO A 11 -1.21 -1.36 4.25
N VAL A 12 -0.12 -1.51 5.00
CA VAL A 12 0.97 -2.36 4.58
C VAL A 12 1.31 -3.40 5.64
N ILE A 13 1.67 -4.60 5.20
CA ILE A 13 2.00 -5.68 6.12
C ILE A 13 3.43 -6.18 5.91
N ASN A 14 4.19 -6.26 7.00
CA ASN A 14 5.57 -6.74 6.95
C ASN A 14 5.56 -8.26 6.94
N LEU A 15 5.91 -8.86 5.80
CA LEU A 15 5.94 -10.31 5.68
C LEU A 15 6.93 -10.91 6.66
N GLU A 16 8.05 -10.23 6.86
CA GLU A 16 9.08 -10.73 7.77
C GLU A 16 8.48 -11.13 9.12
N ASP A 17 7.46 -10.40 9.60
CA ASP A 17 6.86 -10.74 10.89
C ASP A 17 5.34 -10.59 10.89
N GLY A 18 4.74 -10.68 9.71
CA GLY A 18 3.29 -10.55 9.62
C GLY A 18 2.81 -9.21 10.15
N THR A 19 3.73 -8.26 10.29
CA THR A 19 3.38 -6.94 10.83
C THR A 19 2.32 -6.26 9.98
N ARG A 20 1.55 -5.39 10.61
CA ARG A 20 0.49 -4.67 9.92
C ARG A 20 0.64 -3.16 10.19
N LEU A 21 0.23 -2.36 9.22
CA LEU A 21 0.31 -0.91 9.36
C LEU A 21 -0.90 -0.23 8.75
N VAL A 22 -1.70 0.40 9.61
CA VAL A 22 -2.91 1.10 9.18
C VAL A 22 -2.98 2.49 9.77
N GLY A 23 -3.83 3.33 9.20
CA GLY A 23 -3.96 4.70 9.70
C GLY A 23 -2.70 5.51 9.53
N GLU A 24 -2.20 6.05 10.62
CA GLU A 24 -0.99 6.86 10.59
C GLU A 24 0.24 6.01 10.26
N ASP A 25 0.10 4.69 10.35
CA ASP A 25 1.21 3.80 10.05
C ASP A 25 1.21 3.36 8.59
N ALA A 26 0.13 3.70 7.86
CA ALA A 26 0.03 3.32 6.46
C ALA A 26 0.22 4.53 5.53
N PRO A 27 1.12 4.42 4.54
CA PRO A 27 1.39 5.50 3.58
C PRO A 27 0.27 5.68 2.56
N LYS A 28 0.33 6.75 1.79
CA LYS A 28 -0.69 7.02 0.77
C LYS A 28 -0.22 6.52 -0.59
N ASN A 29 -1.16 6.01 -1.38
CA ASN A 29 -0.91 5.47 -2.73
C ASN A 29 0.43 5.90 -3.37
N LYS A 30 0.81 7.16 -3.19
CA LYS A 30 2.09 7.63 -3.74
C LYS A 30 3.24 7.27 -2.81
N ASP A 31 3.04 7.50 -1.52
CA ASP A 31 4.04 7.16 -0.54
C ASP A 31 4.10 5.67 -0.40
N LEU A 32 2.99 4.97 -0.70
CA LEU A 32 2.95 3.53 -0.62
C LEU A 32 3.76 2.94 -1.74
N VAL A 33 3.65 3.50 -2.96
CA VAL A 33 4.43 3.00 -4.07
C VAL A 33 5.92 3.07 -3.73
N GLU A 34 6.37 4.25 -3.31
CA GLU A 34 7.78 4.43 -2.96
C GLU A 34 8.16 3.65 -1.70
N TRP A 35 7.33 3.77 -0.68
CA TRP A 35 7.54 3.08 0.59
C TRP A 35 7.64 1.57 0.37
N LEU A 36 6.72 1.06 -0.44
CA LEU A 36 6.68 -0.36 -0.77
C LEU A 36 7.98 -0.78 -1.42
N LYS A 37 8.39 -0.06 -2.46
CA LYS A 37 9.63 -0.38 -3.15
C LYS A 37 10.80 -0.26 -2.17
N LEU A 38 10.70 0.71 -1.26
CA LEU A 38 11.72 0.95 -0.25
C LEU A 38 11.92 -0.26 0.66
N HIS A 39 10.83 -0.96 0.95
CA HIS A 39 10.91 -2.14 1.83
C HIS A 39 10.32 -3.38 1.15
N PRO A 40 11.19 -4.22 0.54
CA PRO A 40 10.75 -5.43 -0.18
C PRO A 40 10.04 -6.45 0.72
N THR A 41 10.31 -6.41 2.03
CA THR A 41 9.67 -7.36 2.94
C THR A 41 8.21 -7.01 3.18
N TYR A 42 7.82 -5.78 2.85
CA TYR A 42 6.44 -5.37 3.06
C TYR A 42 5.58 -5.66 1.83
N THR A 43 4.40 -6.19 2.08
CA THR A 43 3.47 -6.49 1.00
C THR A 43 2.20 -5.66 1.14
N VAL A 44 1.73 -5.11 0.03
CA VAL A 44 0.53 -4.27 0.04
C VAL A 44 -0.66 -5.01 0.62
N ASP A 45 -1.33 -4.39 1.57
CA ASP A 45 -2.50 -4.97 2.22
C ASP A 45 -3.75 -4.15 1.95
N MET A 46 -4.55 -4.58 0.97
CA MET A 46 -5.78 -3.88 0.62
C MET A 46 -6.85 -4.87 0.18
N PRO A 47 -8.14 -4.46 0.24
CA PRO A 47 -9.26 -5.31 -0.15
C PRO A 47 -9.39 -5.49 -1.66
N SER A 48 -9.71 -4.39 -2.34
CA SER A 48 -9.87 -4.41 -3.79
C SER A 48 -8.60 -4.00 -4.52
N TYR A 49 -7.46 -4.14 -3.85
CA TYR A 49 -6.17 -3.78 -4.44
C TYR A 49 -6.07 -4.22 -5.90
N VAL A 50 -5.76 -3.28 -6.78
CA VAL A 50 -5.63 -3.57 -8.20
C VAL A 50 -4.40 -2.86 -8.79
N PRO A 51 -3.41 -3.64 -9.26
CA PRO A 51 -2.19 -3.07 -9.85
C PRO A 51 -2.46 -2.35 -11.16
N LYS A 52 -1.85 -1.17 -11.32
CA LYS A 52 -2.03 -0.38 -12.53
C LYS A 52 -1.17 -0.92 -13.67
N ASN A 53 -0.02 -1.48 -13.32
CA ASN A 53 0.90 -2.04 -14.31
C ASN A 53 1.37 -0.95 -15.29
N ALA A 54 2.66 -0.64 -15.23
CA ALA A 54 3.24 0.37 -16.10
C ALA A 54 3.35 -0.13 -17.54
N ASP A 55 3.79 0.75 -18.43
CA ASP A 55 3.92 0.39 -19.84
C ASP A 55 5.36 -0.05 -20.15
N SER A 1 -14.21 13.40 -8.67
CA SER A 1 -13.90 11.94 -8.74
C SER A 1 -12.77 11.67 -9.72
N GLY A 2 -11.66 11.12 -9.20
CA GLY A 2 -10.53 10.81 -10.05
C GLY A 2 -9.80 9.56 -9.60
N GLN A 3 -10.53 8.45 -9.51
CA GLN A 3 -9.94 7.18 -9.09
C GLN A 3 -9.31 7.31 -7.71
N LEU A 4 -8.62 6.25 -7.29
CA LEU A 4 -7.97 6.25 -5.98
C LEU A 4 -6.96 7.40 -5.88
N ASP A 5 -7.42 8.53 -5.37
CA ASP A 5 -6.58 9.72 -5.23
C ASP A 5 -5.28 9.39 -4.50
N PRO A 6 -4.19 10.11 -4.83
CA PRO A 6 -2.88 9.88 -4.21
C PRO A 6 -2.93 10.07 -2.70
N ASP A 7 -3.96 10.77 -2.21
CA ASP A 7 -4.12 11.03 -0.79
C ASP A 7 -4.60 9.77 -0.07
N THR A 8 -5.24 8.87 -0.80
CA THR A 8 -5.76 7.63 -0.23
C THR A 8 -4.63 6.88 0.48
N ARG A 9 -4.98 6.16 1.56
CA ARG A 9 -3.99 5.41 2.31
C ARG A 9 -4.20 3.90 2.15
N ILE A 10 -3.13 3.19 1.82
CA ILE A 10 -3.19 1.75 1.63
C ILE A 10 -2.38 1.03 2.70
N PRO A 11 -3.01 0.13 3.47
CA PRO A 11 -2.33 -0.62 4.54
C PRO A 11 -1.21 -1.50 4.01
N VAL A 12 -0.16 -1.65 4.80
CA VAL A 12 0.98 -2.47 4.41
C VAL A 12 1.29 -3.52 5.47
N ILE A 13 1.75 -4.69 5.02
CA ILE A 13 2.08 -5.78 5.93
C ILE A 13 3.53 -6.24 5.76
N ASN A 14 4.27 -6.30 6.86
CA ASN A 14 5.65 -6.75 6.83
C ASN A 14 5.68 -8.27 6.89
N LEU A 15 6.04 -8.90 5.78
CA LEU A 15 6.11 -10.35 5.71
C LEU A 15 7.12 -10.89 6.71
N GLU A 16 8.15 -10.10 6.97
CA GLU A 16 9.19 -10.51 7.91
C GLU A 16 8.59 -10.97 9.23
N ASP A 17 7.53 -10.30 9.70
CA ASP A 17 6.90 -10.67 10.96
C ASP A 17 5.38 -10.55 10.90
N GLY A 18 4.83 -10.65 9.69
CA GLY A 18 3.39 -10.55 9.53
C GLY A 18 2.86 -9.22 10.05
N THR A 19 3.75 -8.25 10.19
CA THR A 19 3.38 -6.93 10.70
C THR A 19 2.28 -6.30 9.86
N ARG A 20 1.52 -5.40 10.46
CA ARG A 20 0.44 -4.72 9.76
C ARG A 20 0.50 -3.23 10.05
N LEU A 21 0.21 -2.41 9.05
CA LEU A 21 0.23 -0.97 9.22
C LEU A 21 -1.00 -0.32 8.56
N VAL A 22 -1.83 0.28 9.39
CA VAL A 22 -3.04 0.94 8.91
C VAL A 22 -3.18 2.33 9.52
N GLY A 23 -4.05 3.14 8.93
CA GLY A 23 -4.25 4.49 9.44
C GLY A 23 -3.02 5.35 9.33
N GLU A 24 -2.59 5.90 10.46
CA GLU A 24 -1.41 6.76 10.50
C GLU A 24 -0.14 5.97 10.20
N ASP A 25 -0.21 4.64 10.29
CA ASP A 25 0.95 3.80 10.03
C ASP A 25 1.00 3.36 8.56
N ALA A 26 -0.06 3.66 7.80
CA ALA A 26 -0.11 3.28 6.40
C ALA A 26 0.13 4.49 5.49
N PRO A 27 1.03 4.36 4.50
CA PRO A 27 1.34 5.45 3.56
C PRO A 27 0.24 5.64 2.52
N LYS A 28 0.33 6.72 1.75
CA LYS A 28 -0.67 6.99 0.72
C LYS A 28 -0.21 6.43 -0.63
N ASN A 29 -1.15 5.85 -1.37
CA ASN A 29 -0.90 5.23 -2.68
C ASN A 29 0.40 5.67 -3.38
N LYS A 30 0.78 6.94 -3.25
CA LYS A 30 2.02 7.40 -3.86
C LYS A 30 3.20 7.10 -2.94
N ASP A 31 3.01 7.38 -1.66
CA ASP A 31 4.03 7.10 -0.69
C ASP A 31 4.12 5.61 -0.49
N LEU A 32 3.02 4.89 -0.74
CA LEU A 32 3.00 3.45 -0.61
C LEU A 32 3.81 2.83 -1.71
N VAL A 33 3.68 3.33 -2.94
CA VAL A 33 4.46 2.78 -4.04
C VAL A 33 5.94 2.91 -3.73
N GLU A 34 6.37 4.13 -3.39
CA GLU A 34 7.79 4.35 -3.07
C GLU A 34 8.19 3.60 -1.81
N TRP A 35 7.36 3.71 -0.78
CA TRP A 35 7.58 3.05 0.50
C TRP A 35 7.73 1.53 0.31
N LEU A 36 6.85 0.98 -0.52
CA LEU A 36 6.87 -0.44 -0.83
C LEU A 36 8.22 -0.84 -1.41
N LYS A 37 8.65 -0.11 -2.44
CA LYS A 37 9.94 -0.39 -3.06
C LYS A 37 11.05 -0.25 -2.02
N LEU A 38 10.87 0.72 -1.12
CA LEU A 38 11.84 0.99 -0.06
C LEU A 38 12.00 -0.20 0.89
N HIS A 39 10.91 -0.95 1.09
CA HIS A 39 10.96 -2.11 2.00
C HIS A 39 10.41 -3.36 1.31
N PRO A 40 11.30 -4.19 0.74
CA PRO A 40 10.90 -5.42 0.03
C PRO A 40 10.17 -6.43 0.93
N THR A 41 10.40 -6.35 2.24
CA THR A 41 9.77 -7.28 3.17
C THR A 41 8.27 -6.98 3.32
N TYR A 42 7.88 -5.77 2.97
CA TYR A 42 6.47 -5.37 3.09
C TYR A 42 5.70 -5.68 1.82
N THR A 43 4.53 -6.28 1.99
CA THR A 43 3.66 -6.61 0.87
C THR A 43 2.35 -5.84 1.00
N VAL A 44 1.82 -5.36 -0.12
CA VAL A 44 0.59 -4.59 -0.11
C VAL A 44 -0.56 -5.35 0.55
N ASP A 45 -1.20 -4.70 1.52
CA ASP A 45 -2.33 -5.30 2.23
C ASP A 45 -3.59 -4.46 2.02
N MET A 46 -4.49 -4.94 1.17
CA MET A 46 -5.72 -4.21 0.90
C MET A 46 -6.82 -5.10 0.33
N PRO A 47 -8.03 -5.06 0.92
CA PRO A 47 -9.18 -5.83 0.45
C PRO A 47 -9.92 -5.05 -0.63
N SER A 48 -9.16 -4.27 -1.40
CA SER A 48 -9.68 -3.46 -2.47
C SER A 48 -8.52 -2.76 -3.19
N TYR A 49 -7.73 -3.55 -3.89
CA TYR A 49 -6.58 -3.03 -4.63
C TYR A 49 -6.57 -3.55 -6.06
N VAL A 50 -6.36 -2.65 -7.02
CA VAL A 50 -6.33 -3.02 -8.43
C VAL A 50 -5.03 -2.59 -9.08
N PRO A 51 -4.21 -3.55 -9.55
CA PRO A 51 -2.92 -3.25 -10.20
C PRO A 51 -3.11 -2.55 -11.54
N LYS A 52 -4.27 -2.74 -12.15
CA LYS A 52 -4.57 -2.14 -13.45
C LYS A 52 -4.59 -0.61 -13.35
N ASN A 53 -3.72 0.03 -14.12
CA ASN A 53 -3.64 1.49 -14.12
C ASN A 53 -4.54 2.08 -15.19
N ALA A 54 -4.58 1.43 -16.36
CA ALA A 54 -5.40 1.89 -17.46
C ALA A 54 -6.88 1.89 -17.09
N ASP A 55 -7.62 2.85 -17.64
CA ASP A 55 -9.06 2.95 -17.36
C ASP A 55 -9.85 1.95 -18.20
N SER A 1 -18.40 5.32 -8.92
CA SER A 1 -17.28 4.67 -8.19
C SER A 1 -16.07 5.58 -8.08
N GLY A 2 -15.76 6.27 -9.18
CA GLY A 2 -14.63 7.18 -9.18
C GLY A 2 -13.30 6.44 -9.30
N GLN A 3 -12.24 7.08 -8.82
CA GLN A 3 -10.90 6.48 -8.87
C GLN A 3 -10.12 6.77 -7.59
N LEU A 4 -9.04 6.03 -7.38
CA LEU A 4 -8.21 6.21 -6.20
C LEU A 4 -7.46 7.53 -6.25
N ASP A 5 -7.25 8.13 -5.08
CA ASP A 5 -6.55 9.41 -5.00
C ASP A 5 -5.18 9.22 -4.32
N PRO A 6 -4.15 9.95 -4.79
CA PRO A 6 -2.81 9.85 -4.22
C PRO A 6 -2.80 10.07 -2.72
N ASP A 7 -3.78 10.81 -2.21
CA ASP A 7 -3.88 11.10 -0.79
C ASP A 7 -4.38 9.88 -0.02
N THR A 8 -5.08 8.99 -0.70
CA THR A 8 -5.61 7.78 -0.07
C THR A 8 -4.49 7.02 0.62
N ARG A 9 -4.81 6.38 1.74
CA ARG A 9 -3.81 5.62 2.50
C ARG A 9 -4.05 4.12 2.33
N ILE A 10 -3.00 3.41 1.95
CA ILE A 10 -3.09 1.97 1.75
C ILE A 10 -2.27 1.22 2.80
N PRO A 11 -2.95 0.47 3.69
CA PRO A 11 -2.26 -0.28 4.74
C PRO A 11 -1.22 -1.25 4.17
N VAL A 12 -0.11 -1.40 4.89
CA VAL A 12 0.95 -2.29 4.46
C VAL A 12 1.22 -3.38 5.50
N ILE A 13 1.69 -4.53 5.02
CA ILE A 13 1.97 -5.65 5.92
C ILE A 13 3.42 -6.14 5.76
N ASN A 14 4.15 -6.22 6.86
CA ASN A 14 5.53 -6.71 6.83
C ASN A 14 5.49 -8.23 6.81
N LEU A 15 5.85 -8.82 5.66
CA LEU A 15 5.86 -10.27 5.52
C LEU A 15 6.84 -10.89 6.49
N GLU A 16 7.91 -10.17 6.80
CA GLU A 16 8.90 -10.68 7.73
C GLU A 16 8.26 -11.20 9.02
N ASP A 17 7.22 -10.50 9.50
CA ASP A 17 6.56 -10.93 10.74
C ASP A 17 5.05 -10.74 10.65
N GLY A 18 4.51 -10.74 9.45
CA GLY A 18 3.09 -10.57 9.26
C GLY A 18 2.59 -9.25 9.85
N THR A 19 3.52 -8.33 10.08
CA THR A 19 3.18 -7.03 10.67
C THR A 19 2.16 -6.31 9.80
N ARG A 20 1.35 -5.44 10.41
CA ARG A 20 0.35 -4.69 9.69
C ARG A 20 0.45 -3.21 10.03
N LEU A 21 0.11 -2.37 9.06
CA LEU A 21 0.17 -0.92 9.25
C LEU A 21 -1.03 -0.24 8.63
N VAL A 22 -1.86 0.37 9.46
CA VAL A 22 -3.06 1.06 8.99
C VAL A 22 -3.14 2.46 9.57
N GLY A 23 -3.99 3.31 8.98
CA GLY A 23 -4.14 4.66 9.47
C GLY A 23 -2.86 5.47 9.36
N GLU A 24 -2.41 6.01 10.48
CA GLU A 24 -1.20 6.82 10.51
C GLU A 24 0.04 5.97 10.21
N ASP A 25 -0.10 4.65 10.31
CA ASP A 25 1.03 3.76 10.06
C ASP A 25 1.09 3.36 8.58
N ALA A 26 0.07 3.72 7.81
CA ALA A 26 0.03 3.39 6.39
C ALA A 26 0.25 4.62 5.52
N PRO A 27 1.17 4.53 4.53
CA PRO A 27 1.48 5.64 3.62
C PRO A 27 0.38 5.86 2.58
N LYS A 28 0.47 6.96 1.84
CA LYS A 28 -0.50 7.28 0.81
C LYS A 28 -0.08 6.65 -0.52
N ASN A 29 -1.04 6.10 -1.26
CA ASN A 29 -0.81 5.43 -2.55
C ASN A 29 0.49 5.83 -3.28
N LYS A 30 0.88 7.11 -3.18
CA LYS A 30 2.12 7.54 -3.82
C LYS A 30 3.32 7.24 -2.92
N ASP A 31 3.18 7.54 -1.63
CA ASP A 31 4.22 7.24 -0.69
C ASP A 31 4.28 5.74 -0.48
N LEU A 32 3.15 5.06 -0.71
CA LEU A 32 3.09 3.62 -0.57
C LEU A 32 3.87 2.97 -1.68
N VAL A 33 3.73 3.46 -2.91
CA VAL A 33 4.47 2.89 -4.02
C VAL A 33 5.96 2.99 -3.73
N GLU A 34 6.43 4.19 -3.39
CA GLU A 34 7.85 4.39 -3.08
C GLU A 34 8.25 3.61 -1.82
N TRP A 35 7.45 3.77 -0.78
CA TRP A 35 7.67 3.10 0.51
C TRP A 35 7.78 1.58 0.32
N LEU A 36 6.89 1.04 -0.50
CA LEU A 36 6.87 -0.38 -0.80
C LEU A 36 8.20 -0.79 -1.42
N LYS A 37 8.62 -0.04 -2.43
CA LYS A 37 9.89 -0.30 -3.08
C LYS A 37 11.02 -0.22 -2.06
N LEU A 38 10.91 0.75 -1.16
CA LEU A 38 11.91 0.96 -0.12
C LEU A 38 12.04 -0.24 0.81
N HIS A 39 10.94 -0.95 1.04
CA HIS A 39 10.98 -2.12 1.93
C HIS A 39 10.41 -3.36 1.23
N PRO A 40 11.28 -4.22 0.67
CA PRO A 40 10.86 -5.43 -0.04
C PRO A 40 10.10 -6.43 0.85
N THR A 41 10.32 -6.37 2.15
CA THR A 41 9.66 -7.29 3.07
C THR A 41 8.19 -6.92 3.25
N TYR A 42 7.81 -5.70 2.89
CA TYR A 42 6.44 -5.27 3.04
C TYR A 42 5.63 -5.58 1.78
N THR A 43 4.43 -6.09 2.01
CA THR A 43 3.51 -6.43 0.93
C THR A 43 2.23 -5.61 1.07
N VAL A 44 1.75 -5.08 -0.05
CA VAL A 44 0.54 -4.27 -0.03
C VAL A 44 -0.64 -5.03 0.57
N ASP A 45 -1.29 -4.44 1.55
CA ASP A 45 -2.43 -5.07 2.21
C ASP A 45 -3.71 -4.28 1.98
N MET A 46 -4.56 -4.78 1.08
CA MET A 46 -5.82 -4.12 0.76
C MET A 46 -6.92 -5.14 0.51
N PRO A 47 -8.14 -4.90 1.01
CA PRO A 47 -9.27 -5.82 0.84
C PRO A 47 -9.38 -6.38 -0.57
N SER A 48 -9.24 -5.52 -1.57
CA SER A 48 -9.34 -5.94 -2.96
C SER A 48 -8.08 -5.58 -3.75
N TYR A 49 -7.69 -4.31 -3.68
CA TYR A 49 -6.51 -3.83 -4.38
C TYR A 49 -6.65 -4.05 -5.88
N VAL A 50 -6.74 -2.96 -6.64
CA VAL A 50 -6.87 -3.05 -8.08
C VAL A 50 -5.68 -2.39 -8.79
N PRO A 51 -4.88 -3.17 -9.53
CA PRO A 51 -3.71 -2.67 -10.23
C PRO A 51 -4.03 -2.26 -11.67
N LYS A 52 -4.44 -3.23 -12.48
CA LYS A 52 -4.78 -2.96 -13.88
C LYS A 52 -5.47 -4.16 -14.52
N ASN A 53 -4.70 -5.22 -14.76
CA ASN A 53 -5.23 -6.43 -15.36
C ASN A 53 -4.23 -7.58 -15.25
N ALA A 54 -4.73 -8.81 -15.33
CA ALA A 54 -3.88 -9.99 -15.24
C ALA A 54 -4.67 -11.26 -15.51
N ASP A 55 -4.59 -11.75 -16.74
CA ASP A 55 -5.30 -12.96 -17.14
C ASP A 55 -4.62 -14.20 -16.55
N SER A 1 -16.21 3.56 -11.45
CA SER A 1 -16.89 4.39 -10.42
C SER A 1 -15.93 4.86 -9.35
N GLY A 2 -15.38 3.91 -8.59
CA GLY A 2 -14.45 4.24 -7.54
C GLY A 2 -13.10 4.68 -8.07
N GLN A 3 -12.77 5.94 -7.89
CA GLN A 3 -11.48 6.48 -8.36
C GLN A 3 -10.56 6.80 -7.19
N LEU A 4 -9.53 5.98 -7.02
CA LEU A 4 -8.57 6.19 -5.94
C LEU A 4 -7.75 7.45 -6.17
N ASP A 5 -7.38 8.12 -5.07
CA ASP A 5 -6.59 9.34 -5.15
C ASP A 5 -5.24 9.14 -4.46
N PRO A 6 -4.20 9.86 -4.94
CA PRO A 6 -2.85 9.75 -4.37
C PRO A 6 -2.84 9.99 -2.86
N ASP A 7 -3.82 10.74 -2.38
CA ASP A 7 -3.91 11.05 -0.95
C ASP A 7 -4.42 9.84 -0.16
N THR A 8 -5.12 8.95 -0.83
CA THR A 8 -5.65 7.75 -0.18
C THR A 8 -4.53 6.99 0.54
N ARG A 9 -4.89 6.32 1.63
CA ARG A 9 -3.92 5.55 2.41
C ARG A 9 -4.12 4.06 2.20
N ILE A 10 -3.05 3.36 1.83
CA ILE A 10 -3.09 1.93 1.61
C ILE A 10 -2.31 1.19 2.69
N PRO A 11 -2.93 0.21 3.37
CA PRO A 11 -2.26 -0.56 4.42
C PRO A 11 -1.13 -1.43 3.89
N VAL A 12 -0.06 -1.56 4.67
CA VAL A 12 1.09 -2.38 4.28
C VAL A 12 1.34 -3.47 5.32
N ILE A 13 1.77 -4.63 4.85
CA ILE A 13 2.05 -5.75 5.74
C ILE A 13 3.49 -6.22 5.62
N ASN A 14 4.19 -6.32 6.76
CA ASN A 14 5.56 -6.80 6.76
C ASN A 14 5.56 -8.32 6.79
N LEU A 15 5.92 -8.93 5.67
CA LEU A 15 5.97 -10.38 5.57
C LEU A 15 6.93 -10.96 6.60
N GLU A 16 7.96 -10.19 6.94
CA GLU A 16 8.94 -10.64 7.92
C GLU A 16 8.27 -11.17 9.18
N ASP A 17 7.21 -10.49 9.64
CA ASP A 17 6.50 -10.92 10.84
C ASP A 17 4.99 -10.75 10.70
N GLY A 18 4.51 -10.77 9.47
CA GLY A 18 3.09 -10.61 9.23
C GLY A 18 2.55 -9.31 9.79
N THR A 19 3.46 -8.35 10.01
CA THR A 19 3.08 -7.07 10.58
C THR A 19 2.11 -6.33 9.67
N ARG A 20 1.27 -5.48 10.26
CA ARG A 20 0.30 -4.72 9.49
C ARG A 20 0.38 -3.25 9.87
N LEU A 21 0.21 -2.36 8.89
CA LEU A 21 0.26 -0.93 9.15
C LEU A 21 -0.89 -0.21 8.46
N VAL A 22 -1.77 0.37 9.26
CA VAL A 22 -2.92 1.09 8.74
C VAL A 22 -3.03 2.47 9.36
N GLY A 23 -3.89 3.31 8.78
CA GLY A 23 -4.09 4.65 9.29
C GLY A 23 -2.83 5.49 9.27
N GLU A 24 -2.44 5.98 10.44
CA GLU A 24 -1.26 6.83 10.56
C GLU A 24 0.02 6.06 10.24
N ASP A 25 -0.02 4.73 10.34
CA ASP A 25 1.16 3.92 10.05
C ASP A 25 1.16 3.45 8.59
N ALA A 26 0.11 3.78 7.85
CA ALA A 26 0.02 3.39 6.45
C ALA A 26 0.25 4.60 5.54
N PRO A 27 1.15 4.48 4.54
CA PRO A 27 1.45 5.58 3.61
C PRO A 27 0.34 5.78 2.59
N LYS A 28 0.44 6.89 1.84
CA LYS A 28 -0.54 7.20 0.81
C LYS A 28 -0.12 6.59 -0.53
N ASN A 29 -1.07 6.03 -1.25
CA ASN A 29 -0.84 5.37 -2.56
C ASN A 29 0.47 5.78 -3.27
N LYS A 30 0.85 7.05 -3.17
CA LYS A 30 2.10 7.49 -3.78
C LYS A 30 3.29 7.19 -2.88
N ASP A 31 3.11 7.49 -1.59
CA ASP A 31 4.14 7.22 -0.62
C ASP A 31 4.21 5.73 -0.41
N LEU A 32 3.10 5.03 -0.66
CA LEU A 32 3.05 3.59 -0.51
C LEU A 32 3.85 2.93 -1.60
N VAL A 33 3.72 3.43 -2.85
CA VAL A 33 4.50 2.85 -3.94
C VAL A 33 5.98 2.97 -3.63
N GLU A 34 6.43 4.17 -3.29
CA GLU A 34 7.85 4.39 -2.96
C GLU A 34 8.23 3.62 -1.69
N TRP A 35 7.41 3.77 -0.67
CA TRP A 35 7.63 3.10 0.62
C TRP A 35 7.75 1.59 0.43
N LEU A 36 6.88 1.06 -0.43
CA LEU A 36 6.87 -0.37 -0.73
C LEU A 36 8.22 -0.79 -1.30
N LYS A 37 8.66 -0.08 -2.34
CA LYS A 37 9.95 -0.39 -2.95
C LYS A 37 11.06 -0.25 -1.92
N LEU A 38 10.91 0.74 -1.03
CA LEU A 38 11.88 1.02 0.01
C LEU A 38 12.05 -0.18 0.96
N HIS A 39 10.96 -0.88 1.24
CA HIS A 39 11.01 -2.04 2.14
C HIS A 39 10.46 -3.30 1.47
N PRO A 40 11.35 -4.14 0.91
CA PRO A 40 10.94 -5.37 0.22
C PRO A 40 10.13 -6.33 1.10
N THR A 41 10.45 -6.40 2.39
CA THR A 41 9.75 -7.30 3.29
C THR A 41 8.27 -6.96 3.38
N TYR A 42 7.92 -5.71 3.06
CA TYR A 42 6.53 -5.29 3.12
C TYR A 42 5.81 -5.53 1.81
N THR A 43 4.62 -6.14 1.89
CA THR A 43 3.81 -6.39 0.72
C THR A 43 2.49 -5.63 0.83
N VAL A 44 1.96 -5.20 -0.31
CA VAL A 44 0.71 -4.44 -0.33
C VAL A 44 -0.43 -5.20 0.36
N ASP A 45 -1.03 -4.56 1.35
CA ASP A 45 -2.13 -5.17 2.09
C ASP A 45 -3.42 -4.35 1.92
N MET A 46 -4.35 -4.87 1.13
CA MET A 46 -5.61 -4.18 0.90
C MET A 46 -6.75 -5.19 0.70
N PRO A 47 -7.96 -4.89 1.25
CA PRO A 47 -9.11 -5.77 1.12
C PRO A 47 -9.83 -5.59 -0.22
N SER A 48 -9.05 -5.49 -1.29
CA SER A 48 -9.59 -5.32 -2.64
C SER A 48 -8.48 -4.90 -3.60
N TYR A 49 -8.20 -3.59 -3.64
CA TYR A 49 -7.16 -3.07 -4.51
C TYR A 49 -7.53 -3.25 -5.98
N VAL A 50 -8.40 -2.38 -6.48
CA VAL A 50 -8.85 -2.44 -7.86
C VAL A 50 -8.07 -1.45 -8.72
N PRO A 51 -7.28 -1.94 -9.70
CA PRO A 51 -6.50 -1.07 -10.58
C PRO A 51 -7.37 -0.25 -11.52
N LYS A 52 -8.64 -0.65 -11.67
CA LYS A 52 -9.59 0.04 -12.54
C LYS A 52 -9.32 -0.23 -14.03
N ASN A 53 -8.05 -0.26 -14.41
CA ASN A 53 -7.68 -0.52 -15.79
C ASN A 53 -6.22 -0.91 -15.91
N ALA A 54 -5.96 -2.12 -16.40
CA ALA A 54 -4.60 -2.61 -16.56
C ALA A 54 -4.51 -3.61 -17.71
N ASP A 55 -5.40 -4.60 -17.70
CA ASP A 55 -5.42 -5.61 -18.74
C ASP A 55 -4.10 -6.38 -18.77
N SER A 1 -15.25 1.47 -9.42
CA SER A 1 -13.88 0.91 -9.19
C SER A 1 -12.85 1.58 -10.10
N GLY A 2 -11.74 2.00 -9.51
CA GLY A 2 -10.69 2.64 -10.28
C GLY A 2 -10.49 4.09 -9.89
N GLN A 3 -9.31 4.62 -10.20
CA GLN A 3 -8.97 6.01 -9.87
C GLN A 3 -8.86 6.20 -8.37
N LEU A 4 -7.73 5.81 -7.80
CA LEU A 4 -7.49 5.94 -6.37
C LEU A 4 -6.57 7.13 -6.09
N ASP A 5 -7.15 8.22 -5.62
CA ASP A 5 -6.38 9.43 -5.33
C ASP A 5 -5.08 9.11 -4.60
N PRO A 6 -4.03 9.92 -4.82
CA PRO A 6 -2.72 9.71 -4.18
C PRO A 6 -2.76 9.93 -2.68
N ASP A 7 -3.76 10.69 -2.21
CA ASP A 7 -3.89 10.97 -0.79
C ASP A 7 -4.44 9.75 -0.04
N THR A 8 -5.13 8.88 -0.77
CA THR A 8 -5.72 7.68 -0.17
C THR A 8 -4.65 6.87 0.57
N ARG A 9 -5.07 6.11 1.58
CA ARG A 9 -4.14 5.31 2.37
C ARG A 9 -4.25 3.82 2.05
N ILE A 10 -3.11 3.18 1.85
CA ILE A 10 -3.07 1.76 1.54
C ILE A 10 -2.29 1.00 2.61
N PRO A 11 -2.98 0.24 3.48
CA PRO A 11 -2.33 -0.53 4.55
C PRO A 11 -1.20 -1.41 4.02
N VAL A 12 -0.15 -1.58 4.82
CA VAL A 12 0.98 -2.41 4.43
C VAL A 12 1.28 -3.47 5.48
N ILE A 13 1.76 -4.62 5.03
CA ILE A 13 2.08 -5.72 5.93
C ILE A 13 3.52 -6.18 5.76
N ASN A 14 4.27 -6.25 6.86
CA ASN A 14 5.65 -6.71 6.83
C ASN A 14 5.64 -8.23 6.82
N LEU A 15 6.00 -8.83 5.69
CA LEU A 15 6.03 -10.28 5.57
C LEU A 15 7.01 -10.88 6.56
N GLU A 16 8.09 -10.15 6.84
CA GLU A 16 9.09 -10.63 7.78
C GLU A 16 8.45 -11.11 9.09
N ASP A 17 7.42 -10.41 9.56
CA ASP A 17 6.77 -10.80 10.81
C ASP A 17 5.25 -10.64 10.73
N GLY A 18 4.71 -10.69 9.52
CA GLY A 18 3.27 -10.55 9.35
C GLY A 18 2.76 -9.22 9.89
N THR A 19 3.67 -8.27 10.09
CA THR A 19 3.30 -6.96 10.62
C THR A 19 2.19 -6.32 9.81
N ARG A 20 1.41 -5.46 10.44
CA ARG A 20 0.31 -4.78 9.76
C ARG A 20 0.38 -3.29 10.06
N LEU A 21 0.07 -2.48 9.05
CA LEU A 21 0.10 -1.03 9.22
C LEU A 21 -1.11 -0.37 8.58
N VAL A 22 -1.95 0.23 9.40
CA VAL A 22 -3.16 0.90 8.93
C VAL A 22 -3.27 2.30 9.53
N GLY A 23 -4.09 3.14 8.91
CA GLY A 23 -4.26 4.49 9.41
C GLY A 23 -2.99 5.31 9.29
N GLU A 24 -2.54 5.84 10.42
CA GLU A 24 -1.33 6.65 10.45
C GLU A 24 -0.10 5.79 10.16
N ASP A 25 -0.25 4.47 10.24
CA ASP A 25 0.87 3.57 9.99
C ASP A 25 0.97 3.20 8.51
N ALA A 26 -0.05 3.55 7.73
CA ALA A 26 -0.04 3.23 6.30
C ALA A 26 0.16 4.47 5.44
N PRO A 27 1.10 4.42 4.48
CA PRO A 27 1.39 5.55 3.58
C PRO A 27 0.29 5.75 2.52
N LYS A 28 0.37 6.87 1.81
CA LYS A 28 -0.61 7.18 0.76
C LYS A 28 -0.13 6.64 -0.58
N ASN A 29 -1.08 6.13 -1.36
CA ASN A 29 -0.82 5.55 -2.71
C ASN A 29 0.52 5.96 -3.36
N LYS A 30 0.91 7.22 -3.20
CA LYS A 30 2.18 7.68 -3.75
C LYS A 30 3.33 7.34 -2.82
N ASP A 31 3.14 7.59 -1.54
CA ASP A 31 4.15 7.28 -0.57
C ASP A 31 4.21 5.77 -0.40
N LEU A 32 3.10 5.08 -0.68
CA LEU A 32 3.05 3.64 -0.59
C LEU A 32 3.85 3.03 -1.69
N VAL A 33 3.73 3.56 -2.92
CA VAL A 33 4.51 3.00 -4.02
C VAL A 33 6.00 3.11 -3.70
N GLU A 34 6.44 4.31 -3.32
CA GLU A 34 7.84 4.52 -2.96
C GLU A 34 8.23 3.71 -1.72
N TRP A 35 7.42 3.84 -0.69
CA TRP A 35 7.63 3.13 0.58
C TRP A 35 7.74 1.64 0.35
N LEU A 36 6.87 1.12 -0.52
CA LEU A 36 6.85 -0.29 -0.86
C LEU A 36 8.19 -0.70 -1.45
N LYS A 37 8.64 0.04 -2.46
CA LYS A 37 9.93 -0.26 -3.08
C LYS A 37 11.04 -0.15 -2.05
N LEU A 38 10.90 0.82 -1.15
CA LEU A 38 11.88 1.05 -0.09
C LEU A 38 12.04 -0.16 0.81
N HIS A 39 10.95 -0.88 1.07
CA HIS A 39 10.99 -2.06 1.94
C HIS A 39 10.44 -3.29 1.23
N PRO A 40 11.31 -4.13 0.65
CA PRO A 40 10.89 -5.34 -0.08
C PRO A 40 10.17 -6.36 0.81
N THR A 41 10.40 -6.31 2.12
CA THR A 41 9.76 -7.25 3.02
C THR A 41 8.29 -6.94 3.22
N TYR A 42 7.87 -5.72 2.84
CA TYR A 42 6.49 -5.34 3.00
C TYR A 42 5.67 -5.68 1.76
N THR A 43 4.49 -6.22 2.00
CA THR A 43 3.58 -6.61 0.94
C THR A 43 2.28 -5.79 1.05
N VAL A 44 1.80 -5.31 -0.08
CA VAL A 44 0.58 -4.49 -0.10
C VAL A 44 -0.59 -5.23 0.54
N ASP A 45 -1.22 -4.59 1.52
CA ASP A 45 -2.37 -5.18 2.21
C ASP A 45 -3.60 -4.29 2.06
N MET A 46 -4.60 -4.79 1.34
CA MET A 46 -5.83 -4.03 1.12
C MET A 46 -7.02 -4.98 0.92
N PRO A 47 -8.21 -4.59 1.41
CA PRO A 47 -9.42 -5.40 1.27
C PRO A 47 -10.10 -5.23 -0.08
N SER A 48 -9.28 -5.16 -1.14
CA SER A 48 -9.78 -4.99 -2.49
C SER A 48 -8.63 -4.76 -3.46
N TYR A 49 -8.14 -3.52 -3.50
CA TYR A 49 -7.04 -3.16 -4.38
C TYR A 49 -7.37 -3.46 -5.84
N VAL A 50 -7.57 -2.41 -6.62
CA VAL A 50 -7.89 -2.56 -8.04
C VAL A 50 -6.80 -1.96 -8.92
N PRO A 51 -6.11 -2.79 -9.72
CA PRO A 51 -5.04 -2.32 -10.61
C PRO A 51 -5.59 -1.65 -11.86
N LYS A 52 -4.69 -1.06 -12.65
CA LYS A 52 -5.08 -0.38 -13.88
C LYS A 52 -4.73 -1.24 -15.10
N ASN A 53 -3.56 -1.85 -15.06
CA ASN A 53 -3.08 -2.70 -16.16
C ASN A 53 -2.80 -1.86 -17.40
N ALA A 54 -3.86 -1.32 -18.00
CA ALA A 54 -3.71 -0.51 -19.20
C ALA A 54 -3.18 -1.33 -20.37
N ASP A 55 -3.98 -1.41 -21.44
CA ASP A 55 -3.59 -2.18 -22.61
C ASP A 55 -2.44 -1.49 -23.35
N SER A 1 -11.45 11.26 -13.57
CA SER A 1 -11.99 11.95 -12.37
C SER A 1 -12.00 11.02 -11.16
N GLY A 2 -12.85 9.99 -11.22
CA GLY A 2 -12.94 9.04 -10.11
C GLY A 2 -11.74 8.14 -10.03
N GLN A 3 -10.64 8.65 -9.48
CA GLN A 3 -9.41 7.88 -9.35
C GLN A 3 -8.88 7.94 -7.92
N LEU A 4 -8.29 6.84 -7.46
CA LEU A 4 -7.74 6.77 -6.12
C LEU A 4 -6.73 7.89 -5.88
N ASP A 5 -7.22 9.01 -5.34
CA ASP A 5 -6.37 10.17 -5.08
C ASP A 5 -5.10 9.78 -4.35
N PRO A 6 -3.97 10.47 -4.65
CA PRO A 6 -2.69 10.20 -4.00
C PRO A 6 -2.75 10.36 -2.49
N ASP A 7 -3.78 11.08 -2.01
CA ASP A 7 -3.94 11.30 -0.59
C ASP A 7 -4.46 10.03 0.10
N THR A 8 -5.11 9.18 -0.69
CA THR A 8 -5.65 7.92 -0.18
C THR A 8 -4.55 7.11 0.52
N ARG A 9 -4.92 6.38 1.56
CA ARG A 9 -3.94 5.58 2.31
C ARG A 9 -4.16 4.09 2.12
N ILE A 10 -3.07 3.37 1.88
CA ILE A 10 -3.13 1.93 1.68
C ILE A 10 -2.36 1.19 2.77
N PRO A 11 -3.03 0.30 3.53
CA PRO A 11 -2.37 -0.47 4.60
C PRO A 11 -1.25 -1.34 4.07
N VAL A 12 -0.19 -1.50 4.86
CA VAL A 12 0.95 -2.31 4.47
C VAL A 12 1.22 -3.40 5.52
N ILE A 13 1.67 -4.56 5.06
CA ILE A 13 1.96 -5.67 5.95
C ILE A 13 3.41 -6.13 5.81
N ASN A 14 4.11 -6.20 6.94
CA ASN A 14 5.49 -6.68 6.94
C ASN A 14 5.47 -8.19 6.93
N LEU A 15 5.82 -8.79 5.79
CA LEU A 15 5.83 -10.23 5.67
C LEU A 15 6.80 -10.88 6.64
N GLU A 16 7.96 -10.27 6.81
CA GLU A 16 8.96 -10.80 7.71
C GLU A 16 8.38 -11.11 9.10
N ASP A 17 7.33 -10.38 9.51
CA ASP A 17 6.74 -10.64 10.83
C ASP A 17 5.21 -10.53 10.81
N GLY A 18 4.61 -10.65 9.63
CA GLY A 18 3.17 -10.56 9.53
C GLY A 18 2.63 -9.24 10.05
N THR A 19 3.52 -8.27 10.24
CA THR A 19 3.13 -6.96 10.77
C THR A 19 2.13 -6.27 9.87
N ARG A 20 1.32 -5.39 10.46
CA ARG A 20 0.32 -4.65 9.71
C ARG A 20 0.38 -3.17 10.06
N LEU A 21 0.11 -2.32 9.08
CA LEU A 21 0.13 -0.87 9.30
C LEU A 21 -1.06 -0.20 8.63
N VAL A 22 -1.93 0.38 9.45
CA VAL A 22 -3.11 1.07 8.95
C VAL A 22 -3.20 2.48 9.50
N GLY A 23 -4.02 3.32 8.88
CA GLY A 23 -4.15 4.69 9.34
C GLY A 23 -2.87 5.47 9.21
N GLU A 24 -2.42 6.05 10.31
CA GLU A 24 -1.18 6.83 10.30
C GLU A 24 0.03 5.94 10.04
N ASP A 25 -0.13 4.62 10.23
CA ASP A 25 0.96 3.69 10.03
C ASP A 25 1.09 3.30 8.55
N ALA A 26 0.07 3.61 7.74
CA ALA A 26 0.09 3.27 6.33
C ALA A 26 0.30 4.50 5.45
N PRO A 27 1.22 4.44 4.47
CA PRO A 27 1.51 5.55 3.56
C PRO A 27 0.39 5.78 2.54
N LYS A 28 0.47 6.90 1.83
CA LYS A 28 -0.53 7.22 0.80
C LYS A 28 -0.11 6.68 -0.55
N ASN A 29 -1.08 6.17 -1.32
CA ASN A 29 -0.87 5.60 -2.66
C ASN A 29 0.47 5.97 -3.34
N LYS A 30 0.90 7.22 -3.20
CA LYS A 30 2.15 7.64 -3.80
C LYS A 30 3.33 7.28 -2.89
N ASP A 31 3.16 7.56 -1.60
CA ASP A 31 4.19 7.24 -0.65
C ASP A 31 4.22 5.74 -0.47
N LEU A 32 3.09 5.07 -0.70
CA LEU A 32 3.01 3.63 -0.57
C LEU A 32 3.77 2.97 -1.70
N VAL A 33 3.63 3.47 -2.93
CA VAL A 33 4.36 2.89 -4.03
C VAL A 33 5.86 2.98 -3.76
N GLU A 34 6.34 4.18 -3.42
CA GLU A 34 7.75 4.37 -3.12
C GLU A 34 8.16 3.58 -1.88
N TRP A 35 7.39 3.74 -0.82
CA TRP A 35 7.62 3.07 0.45
C TRP A 35 7.70 1.55 0.24
N LEU A 36 6.81 1.04 -0.60
CA LEU A 36 6.76 -0.37 -0.92
C LEU A 36 8.09 -0.82 -1.52
N LYS A 37 8.52 -0.12 -2.57
CA LYS A 37 9.78 -0.45 -3.21
C LYS A 37 10.92 -0.32 -2.20
N LEU A 38 10.81 0.68 -1.33
CA LEU A 38 11.82 0.94 -0.31
C LEU A 38 12.01 -0.26 0.62
N HIS A 39 10.92 -0.96 0.92
CA HIS A 39 10.99 -2.12 1.81
C HIS A 39 10.43 -3.37 1.14
N PRO A 40 11.30 -4.23 0.59
CA PRO A 40 10.90 -5.46 -0.11
C PRO A 40 10.16 -6.46 0.79
N THR A 41 10.34 -6.36 2.10
CA THR A 41 9.66 -7.28 3.02
C THR A 41 8.21 -6.91 3.22
N TYR A 42 7.83 -5.69 2.84
CA TYR A 42 6.46 -5.26 3.01
C TYR A 42 5.61 -5.59 1.80
N THR A 43 4.42 -6.10 2.06
CA THR A 43 3.49 -6.47 1.01
C THR A 43 2.18 -5.69 1.17
N VAL A 44 1.62 -5.24 0.05
CA VAL A 44 0.37 -4.47 0.09
C VAL A 44 -0.74 -5.27 0.78
N ASP A 45 -1.32 -4.69 1.82
CA ASP A 45 -2.38 -5.36 2.56
C ASP A 45 -3.73 -4.68 2.31
N MET A 46 -4.49 -5.22 1.36
CA MET A 46 -5.80 -4.67 1.03
C MET A 46 -6.76 -5.79 0.62
N PRO A 47 -8.04 -5.71 1.06
CA PRO A 47 -9.05 -6.71 0.74
C PRO A 47 -9.06 -7.09 -0.73
N SER A 48 -9.00 -6.08 -1.60
CA SER A 48 -9.01 -6.32 -3.05
C SER A 48 -7.88 -5.57 -3.74
N TYR A 49 -7.99 -4.24 -3.76
CA TYR A 49 -6.99 -3.39 -4.40
C TYR A 49 -6.91 -3.68 -5.89
N VAL A 50 -6.76 -2.62 -6.69
CA VAL A 50 -6.67 -2.77 -8.14
C VAL A 50 -5.24 -2.60 -8.63
N PRO A 51 -4.64 -3.66 -9.21
CA PRO A 51 -3.26 -3.61 -9.71
C PRO A 51 -3.16 -2.85 -11.03
N LYS A 52 -1.96 -2.81 -11.59
CA LYS A 52 -1.73 -2.12 -12.86
C LYS A 52 -2.34 -2.88 -14.02
N ASN A 53 -2.41 -2.25 -15.18
CA ASN A 53 -2.98 -2.86 -16.37
C ASN A 53 -2.03 -3.91 -16.94
N ALA A 54 -0.79 -3.50 -17.19
CA ALA A 54 0.22 -4.40 -17.75
C ALA A 54 1.62 -3.89 -17.47
N ASP A 55 1.87 -2.62 -17.79
CA ASP A 55 3.16 -2.01 -17.57
C ASP A 55 4.25 -2.74 -18.36
N SER A 1 -3.62 7.35 -9.47
CA SER A 1 -3.97 7.34 -10.92
C SER A 1 -5.34 6.72 -11.15
N GLY A 2 -6.38 7.50 -10.88
CA GLY A 2 -7.74 7.01 -11.06
C GLY A 2 -8.69 7.52 -10.01
N GLN A 3 -9.55 6.63 -9.50
CA GLN A 3 -10.52 7.01 -8.48
C GLN A 3 -9.83 7.18 -7.12
N LEU A 4 -8.86 6.31 -6.84
CA LEU A 4 -8.14 6.37 -5.57
C LEU A 4 -7.07 7.45 -5.60
N ASP A 5 -7.44 8.64 -5.14
CA ASP A 5 -6.52 9.77 -5.12
C ASP A 5 -5.20 9.40 -4.43
N PRO A 6 -4.12 10.11 -4.76
CA PRO A 6 -2.79 9.84 -4.18
C PRO A 6 -2.77 10.09 -2.67
N ASP A 7 -3.73 10.85 -2.18
CA ASP A 7 -3.81 11.16 -0.75
C ASP A 7 -4.34 9.96 0.03
N THR A 8 -5.06 9.08 -0.65
CA THR A 8 -5.62 7.90 -0.01
C THR A 8 -4.51 7.09 0.67
N ARG A 9 -4.86 6.39 1.74
CA ARG A 9 -3.88 5.59 2.48
C ARG A 9 -4.11 4.09 2.28
N ILE A 10 -3.05 3.38 1.93
CA ILE A 10 -3.13 1.94 1.72
C ILE A 10 -2.33 1.19 2.79
N PRO A 11 -2.99 0.30 3.55
CA PRO A 11 -2.32 -0.47 4.61
C PRO A 11 -1.19 -1.35 4.07
N VAL A 12 -0.11 -1.44 4.82
CA VAL A 12 1.03 -2.26 4.42
C VAL A 12 1.31 -3.35 5.46
N ILE A 13 1.73 -4.51 4.99
CA ILE A 13 2.01 -5.63 5.88
C ILE A 13 3.45 -6.12 5.75
N ASN A 14 4.15 -6.22 6.87
CA ASN A 14 5.52 -6.71 6.87
C ASN A 14 5.48 -8.23 6.89
N LEU A 15 5.82 -8.83 5.76
CA LEU A 15 5.83 -10.28 5.66
C LEU A 15 6.84 -10.88 6.63
N GLU A 16 7.89 -10.13 6.93
CA GLU A 16 8.91 -10.59 7.85
C GLU A 16 8.28 -11.10 9.15
N ASP A 17 7.24 -10.42 9.63
CA ASP A 17 6.57 -10.84 10.86
C ASP A 17 5.07 -10.68 10.78
N GLY A 18 4.52 -10.71 9.57
CA GLY A 18 3.09 -10.57 9.39
C GLY A 18 2.57 -9.26 9.97
N THR A 19 3.48 -8.32 10.21
CA THR A 19 3.11 -7.03 10.79
C THR A 19 2.17 -6.28 9.87
N ARG A 20 1.27 -5.49 10.45
CA ARG A 20 0.32 -4.71 9.67
C ARG A 20 0.43 -3.23 10.02
N LEU A 21 0.14 -2.38 9.05
CA LEU A 21 0.19 -0.94 9.26
C LEU A 21 -0.99 -0.24 8.62
N VAL A 22 -1.83 0.37 9.45
CA VAL A 22 -3.01 1.07 8.97
C VAL A 22 -3.08 2.49 9.51
N GLY A 23 -3.91 3.33 8.91
CA GLY A 23 -4.03 4.69 9.37
C GLY A 23 -2.74 5.48 9.20
N GLU A 24 -2.25 6.04 10.30
CA GLU A 24 -1.02 6.81 10.27
C GLU A 24 0.17 5.92 9.98
N ASP A 25 0.01 4.61 10.18
CA ASP A 25 1.10 3.66 9.94
C ASP A 25 1.17 3.27 8.46
N ALA A 26 0.15 3.63 7.68
CA ALA A 26 0.12 3.29 6.27
C ALA A 26 0.33 4.53 5.39
N PRO A 27 1.24 4.44 4.41
CA PRO A 27 1.52 5.57 3.50
C PRO A 27 0.41 5.79 2.49
N LYS A 28 0.47 6.90 1.76
CA LYS A 28 -0.54 7.22 0.76
C LYS A 28 -0.14 6.68 -0.61
N ASN A 29 -1.12 6.17 -1.35
CA ASN A 29 -0.91 5.59 -2.70
C ASN A 29 0.42 5.94 -3.38
N LYS A 30 0.85 7.19 -3.25
CA LYS A 30 2.12 7.61 -3.84
C LYS A 30 3.28 7.26 -2.92
N ASP A 31 3.10 7.54 -1.63
CA ASP A 31 4.12 7.23 -0.67
C ASP A 31 4.16 5.72 -0.47
N LEU A 32 3.03 5.05 -0.73
CA LEU A 32 2.97 3.61 -0.60
C LEU A 32 3.75 2.96 -1.72
N VAL A 33 3.62 3.47 -2.95
CA VAL A 33 4.37 2.90 -4.05
C VAL A 33 5.86 2.98 -3.75
N GLU A 34 6.34 4.19 -3.41
CA GLU A 34 7.76 4.36 -3.10
C GLU A 34 8.15 3.61 -1.83
N TRP A 35 7.35 3.76 -0.79
CA TRP A 35 7.59 3.10 0.50
C TRP A 35 7.67 1.59 0.32
N LEU A 36 6.76 1.06 -0.50
CA LEU A 36 6.73 -0.36 -0.79
C LEU A 36 8.04 -0.81 -1.40
N LYS A 37 8.47 -0.12 -2.45
CA LYS A 37 9.73 -0.45 -3.10
C LYS A 37 10.88 -0.32 -2.11
N LEU A 38 10.77 0.68 -1.24
CA LEU A 38 11.80 0.94 -0.23
C LEU A 38 11.99 -0.24 0.71
N HIS A 39 10.90 -0.92 1.06
CA HIS A 39 10.97 -2.06 1.98
C HIS A 39 10.38 -3.32 1.34
N PRO A 40 11.23 -4.19 0.77
CA PRO A 40 10.79 -5.43 0.12
C PRO A 40 9.98 -6.35 1.04
N THR A 41 10.36 -6.43 2.31
CA THR A 41 9.65 -7.30 3.25
C THR A 41 8.19 -6.93 3.38
N TYR A 42 7.84 -5.69 3.03
CA TYR A 42 6.47 -5.25 3.13
C TYR A 42 5.70 -5.53 1.85
N THR A 43 4.50 -6.08 2.02
CA THR A 43 3.64 -6.41 0.89
C THR A 43 2.33 -5.62 1.01
N VAL A 44 1.78 -5.19 -0.12
CA VAL A 44 0.54 -4.43 -0.10
C VAL A 44 -0.58 -5.20 0.59
N ASP A 45 -1.14 -4.60 1.63
CA ASP A 45 -2.22 -5.25 2.38
C ASP A 45 -3.56 -4.54 2.16
N MET A 46 -4.34 -5.07 1.23
CA MET A 46 -5.65 -4.49 0.92
C MET A 46 -6.68 -5.58 0.64
N PRO A 47 -7.97 -5.26 0.82
CA PRO A 47 -9.06 -6.23 0.59
C PRO A 47 -9.15 -6.66 -0.87
N SER A 48 -9.11 -5.69 -1.76
CA SER A 48 -9.20 -5.95 -3.20
C SER A 48 -8.03 -5.30 -3.93
N TYR A 49 -8.00 -3.97 -3.89
CA TYR A 49 -6.95 -3.21 -4.56
C TYR A 49 -7.03 -3.37 -6.07
N VAL A 50 -7.19 -2.25 -6.76
CA VAL A 50 -7.29 -2.26 -8.22
C VAL A 50 -6.49 -1.10 -8.83
N PRO A 51 -5.44 -1.40 -9.60
CA PRO A 51 -4.60 -0.37 -10.24
C PRO A 51 -5.36 0.36 -11.35
N LYS A 52 -5.68 -0.36 -12.40
CA LYS A 52 -6.40 0.21 -13.54
C LYS A 52 -6.71 -0.86 -14.58
N ASN A 53 -7.99 -1.17 -14.75
CA ASN A 53 -8.41 -2.18 -15.72
C ASN A 53 -9.91 -2.08 -15.99
N ALA A 54 -10.41 -2.95 -16.86
CA ALA A 54 -11.82 -2.95 -17.20
C ALA A 54 -12.45 -4.32 -16.93
N ASP A 55 -13.18 -4.42 -15.83
CA ASP A 55 -13.84 -5.67 -15.45
C ASP A 55 -15.36 -5.52 -15.50
N SER A 1 -10.81 10.58 -15.67
CA SER A 1 -11.23 10.69 -14.25
C SER A 1 -10.86 9.44 -13.46
N GLY A 2 -10.26 9.64 -12.29
CA GLY A 2 -9.87 8.52 -11.46
C GLY A 2 -10.57 8.52 -10.11
N GLN A 3 -10.83 7.33 -9.58
CA GLN A 3 -11.49 7.20 -8.28
C GLN A 3 -10.51 7.46 -7.14
N LEU A 4 -9.62 6.51 -6.92
CA LEU A 4 -8.62 6.64 -5.86
C LEU A 4 -7.72 7.85 -6.11
N ASP A 5 -7.27 8.47 -5.02
CA ASP A 5 -6.39 9.63 -5.11
C ASP A 5 -5.06 9.35 -4.45
N PRO A 6 -4.03 10.16 -4.74
CA PRO A 6 -2.70 10.00 -4.16
C PRO A 6 -2.70 10.18 -2.65
N ASP A 7 -3.69 10.91 -2.14
CA ASP A 7 -3.80 11.15 -0.71
C ASP A 7 -4.30 9.91 0.02
N THR A 8 -5.01 9.05 -0.71
CA THR A 8 -5.53 7.82 -0.13
C THR A 8 -4.41 7.02 0.54
N ARG A 9 -4.73 6.36 1.65
CA ARG A 9 -3.74 5.57 2.37
C ARG A 9 -3.98 4.07 2.19
N ILE A 10 -2.94 3.36 1.80
CA ILE A 10 -3.03 1.91 1.60
C ILE A 10 -2.28 1.16 2.69
N PRO A 11 -2.97 0.28 3.45
CA PRO A 11 -2.34 -0.49 4.52
C PRO A 11 -1.20 -1.36 4.01
N VAL A 12 -0.16 -1.51 4.81
CA VAL A 12 0.99 -2.33 4.42
C VAL A 12 1.29 -3.39 5.48
N ILE A 13 1.69 -4.56 5.03
CA ILE A 13 2.00 -5.66 5.93
C ILE A 13 3.44 -6.15 5.75
N ASN A 14 4.19 -6.22 6.85
CA ASN A 14 5.56 -6.72 6.81
C ASN A 14 5.54 -8.23 6.88
N LEU A 15 5.87 -8.87 5.77
CA LEU A 15 5.90 -10.32 5.70
C LEU A 15 6.91 -10.88 6.68
N GLU A 16 7.99 -10.14 6.91
CA GLU A 16 9.03 -10.57 7.82
C GLU A 16 8.44 -11.01 9.17
N ASP A 17 7.39 -10.32 9.63
CA ASP A 17 6.77 -10.65 10.91
C ASP A 17 5.24 -10.53 10.85
N GLY A 18 4.68 -10.63 9.65
CA GLY A 18 3.25 -10.52 9.51
C GLY A 18 2.71 -9.20 10.03
N THR A 19 3.61 -8.24 10.22
CA THR A 19 3.24 -6.93 10.75
C THR A 19 2.21 -6.25 9.85
N ARG A 20 1.34 -5.44 10.45
CA ARG A 20 0.32 -4.73 9.71
C ARG A 20 0.39 -3.24 10.01
N LEU A 21 0.05 -2.41 9.02
CA LEU A 21 0.09 -0.97 9.21
C LEU A 21 -1.12 -0.30 8.57
N VAL A 22 -1.96 0.29 9.40
CA VAL A 22 -3.16 0.97 8.93
C VAL A 22 -3.26 2.38 9.52
N GLY A 23 -4.09 3.22 8.91
CA GLY A 23 -4.23 4.57 9.39
C GLY A 23 -2.96 5.38 9.26
N GLU A 24 -2.50 5.93 10.37
CA GLU A 24 -1.28 6.73 10.37
C GLU A 24 -0.06 5.86 10.09
N ASP A 25 -0.20 4.54 10.22
CA ASP A 25 0.91 3.63 9.98
C ASP A 25 1.01 3.26 8.51
N ALA A 26 0.00 3.62 7.71
CA ALA A 26 0.00 3.30 6.29
C ALA A 26 0.23 4.55 5.43
N PRO A 27 1.17 4.48 4.46
CA PRO A 27 1.47 5.61 3.57
C PRO A 27 0.38 5.83 2.52
N LYS A 28 0.48 6.94 1.79
CA LYS A 28 -0.50 7.25 0.75
C LYS A 28 -0.05 6.65 -0.59
N ASN A 29 -1.01 6.10 -1.33
CA ASN A 29 -0.77 5.46 -2.64
C ASN A 29 0.53 5.86 -3.35
N LYS A 30 0.94 7.13 -3.22
CA LYS A 30 2.18 7.58 -3.84
C LYS A 30 3.35 7.24 -2.95
N ASP A 31 3.18 7.53 -1.67
CA ASP A 31 4.19 7.23 -0.70
C ASP A 31 4.25 5.73 -0.50
N LEU A 32 3.13 5.05 -0.75
CA LEU A 32 3.06 3.60 -0.61
C LEU A 32 3.85 2.95 -1.72
N VAL A 33 3.74 3.46 -2.95
CA VAL A 33 4.50 2.88 -4.05
C VAL A 33 5.99 2.99 -3.74
N GLU A 34 6.44 4.19 -3.38
CA GLU A 34 7.85 4.39 -3.05
C GLU A 34 8.24 3.62 -1.79
N TRP A 35 7.44 3.76 -0.76
CA TRP A 35 7.65 3.09 0.52
C TRP A 35 7.76 1.57 0.31
N LEU A 36 6.87 1.06 -0.54
CA LEU A 36 6.84 -0.36 -0.85
C LEU A 36 8.17 -0.80 -1.45
N LYS A 37 8.63 -0.08 -2.47
CA LYS A 37 9.90 -0.40 -3.09
C LYS A 37 11.02 -0.29 -2.05
N LEU A 38 10.88 0.69 -1.17
CA LEU A 38 11.86 0.93 -0.12
C LEU A 38 12.02 -0.27 0.81
N HIS A 39 10.92 -0.98 1.08
CA HIS A 39 10.95 -2.14 1.96
C HIS A 39 10.36 -3.37 1.27
N PRO A 40 11.22 -4.23 0.68
CA PRO A 40 10.77 -5.43 -0.03
C PRO A 40 10.05 -6.44 0.87
N THR A 41 10.31 -6.39 2.18
CA THR A 41 9.66 -7.32 3.10
C THR A 41 8.18 -6.98 3.27
N TYR A 42 7.80 -5.76 2.93
CA TYR A 42 6.42 -5.33 3.06
C TYR A 42 5.62 -5.63 1.80
N THR A 43 4.44 -6.19 1.97
CA THR A 43 3.56 -6.48 0.85
C THR A 43 2.25 -5.71 1.00
N VAL A 44 1.71 -5.24 -0.12
CA VAL A 44 0.47 -4.46 -0.11
C VAL A 44 -0.66 -5.24 0.58
N ASP A 45 -1.23 -4.63 1.63
CA ASP A 45 -2.32 -5.25 2.36
C ASP A 45 -3.64 -4.49 2.17
N MET A 46 -4.48 -5.00 1.27
CA MET A 46 -5.77 -4.36 1.00
C MET A 46 -6.83 -5.41 0.69
N PRO A 47 -8.12 -5.10 0.98
CA PRO A 47 -9.22 -6.02 0.74
C PRO A 47 -9.30 -6.48 -0.71
N SER A 48 -9.20 -5.53 -1.63
CA SER A 48 -9.26 -5.82 -3.06
C SER A 48 -8.06 -5.25 -3.79
N TYR A 49 -7.89 -3.94 -3.69
CA TYR A 49 -6.78 -3.26 -4.35
C TYR A 49 -6.88 -3.38 -5.87
N VAL A 50 -7.03 -2.25 -6.55
CA VAL A 50 -7.13 -2.25 -8.01
C VAL A 50 -5.87 -1.67 -8.64
N PRO A 51 -5.13 -2.48 -9.41
CA PRO A 51 -3.91 -2.02 -10.08
C PRO A 51 -4.18 -1.34 -11.41
N LYS A 52 -5.05 -0.33 -11.38
CA LYS A 52 -5.40 0.41 -12.58
C LYS A 52 -5.08 1.88 -12.43
N ASN A 53 -4.11 2.36 -13.20
CA ASN A 53 -3.70 3.76 -13.14
C ASN A 53 -4.67 4.63 -13.93
N ALA A 54 -5.31 5.56 -13.23
CA ALA A 54 -6.27 6.46 -13.87
C ALA A 54 -5.57 7.70 -14.45
N ASP A 55 -6.03 8.15 -15.60
CA ASP A 55 -5.45 9.31 -16.25
C ASP A 55 -6.26 10.58 -15.94
N SER A 1 -16.56 8.85 -13.33
CA SER A 1 -15.29 8.09 -13.29
C SER A 1 -14.41 8.56 -12.14
N GLY A 2 -13.93 7.62 -11.34
CA GLY A 2 -13.08 7.95 -10.21
C GLY A 2 -11.98 6.93 -9.98
N GLN A 3 -10.84 7.40 -9.47
CA GLN A 3 -9.70 6.52 -9.20
C GLN A 3 -9.28 6.62 -7.74
N LEU A 4 -8.22 5.88 -7.39
CA LEU A 4 -7.72 5.89 -6.03
C LEU A 4 -6.82 7.10 -5.79
N ASP A 5 -7.41 8.19 -5.30
CA ASP A 5 -6.68 9.42 -5.05
C ASP A 5 -5.34 9.16 -4.35
N PRO A 6 -4.32 10.00 -4.63
CA PRO A 6 -2.99 9.86 -4.03
C PRO A 6 -3.00 10.06 -2.52
N ASP A 7 -4.01 10.78 -2.03
CA ASP A 7 -4.13 11.06 -0.60
C ASP A 7 -4.60 9.82 0.16
N THR A 8 -5.28 8.92 -0.55
CA THR A 8 -5.80 7.70 0.06
C THR A 8 -4.66 6.94 0.76
N ARG A 9 -4.98 6.31 1.89
CA ARG A 9 -3.97 5.56 2.64
C ARG A 9 -4.18 4.06 2.48
N ILE A 10 -3.14 3.37 2.06
CA ILE A 10 -3.21 1.92 1.86
C ILE A 10 -2.38 1.18 2.91
N PRO A 11 -3.02 0.34 3.73
CA PRO A 11 -2.32 -0.43 4.77
C PRO A 11 -1.24 -1.35 4.20
N VAL A 12 -0.15 -1.51 4.94
CA VAL A 12 0.94 -2.36 4.51
C VAL A 12 1.24 -3.44 5.56
N ILE A 13 1.68 -4.60 5.10
CA ILE A 13 1.99 -5.70 6.00
C ILE A 13 3.42 -6.19 5.80
N ASN A 14 4.20 -6.26 6.88
CA ASN A 14 5.57 -6.75 6.81
C ASN A 14 5.55 -8.27 6.86
N LEU A 15 5.87 -8.89 5.74
CA LEU A 15 5.91 -10.34 5.65
C LEU A 15 6.91 -10.92 6.63
N GLU A 16 7.96 -10.15 6.92
CA GLU A 16 8.98 -10.60 7.86
C GLU A 16 8.36 -11.12 9.16
N ASP A 17 7.32 -10.43 9.65
CA ASP A 17 6.67 -10.85 10.89
C ASP A 17 5.16 -10.68 10.82
N GLY A 18 4.62 -10.69 9.60
CA GLY A 18 3.19 -10.53 9.43
C GLY A 18 2.69 -9.23 10.01
N THR A 19 3.60 -8.28 10.20
CA THR A 19 3.25 -6.98 10.78
C THR A 19 2.27 -6.23 9.89
N ARG A 20 1.49 -5.34 10.49
CA ARG A 20 0.51 -4.56 9.76
C ARG A 20 0.64 -3.09 10.13
N LEU A 21 0.41 -2.21 9.15
CA LEU A 21 0.50 -0.78 9.39
C LEU A 21 -0.68 -0.05 8.75
N VAL A 22 -1.51 0.55 9.59
CA VAL A 22 -2.68 1.27 9.12
C VAL A 22 -2.76 2.67 9.73
N GLY A 23 -3.65 3.49 9.19
CA GLY A 23 -3.81 4.84 9.70
C GLY A 23 -2.57 5.68 9.59
N GLU A 24 -2.11 6.19 10.72
CA GLU A 24 -0.92 7.04 10.77
C GLU A 24 0.34 6.28 10.36
N ASP A 25 0.30 4.95 10.44
CA ASP A 25 1.47 4.15 10.06
C ASP A 25 1.35 3.64 8.64
N ALA A 26 0.24 3.95 7.97
CA ALA A 26 0.04 3.51 6.59
C ALA A 26 0.24 4.66 5.62
N PRO A 27 1.12 4.49 4.61
CA PRO A 27 1.39 5.52 3.60
C PRO A 27 0.25 5.67 2.60
N LYS A 28 0.31 6.73 1.79
CA LYS A 28 -0.73 6.96 0.79
C LYS A 28 -0.31 6.40 -0.57
N ASN A 29 -1.27 5.85 -1.30
CA ASN A 29 -1.07 5.25 -2.63
C ASN A 29 0.24 5.66 -3.34
N LYS A 30 0.62 6.93 -3.23
CA LYS A 30 1.87 7.38 -3.85
C LYS A 30 3.05 7.07 -2.94
N ASP A 31 2.88 7.35 -1.66
CA ASP A 31 3.91 7.05 -0.70
C ASP A 31 3.99 5.56 -0.52
N LEU A 32 2.89 4.84 -0.76
CA LEU A 32 2.87 3.40 -0.64
C LEU A 32 3.67 2.78 -1.76
N VAL A 33 3.52 3.29 -2.98
CA VAL A 33 4.28 2.76 -4.09
C VAL A 33 5.78 2.88 -3.80
N GLU A 34 6.21 4.10 -3.44
CA GLU A 34 7.63 4.32 -3.13
C GLU A 34 8.05 3.55 -1.86
N TRP A 35 7.24 3.68 -0.82
CA TRP A 35 7.49 3.02 0.46
C TRP A 35 7.61 1.51 0.27
N LEU A 36 6.73 0.98 -0.57
CA LEU A 36 6.72 -0.43 -0.88
C LEU A 36 8.05 -0.86 -1.47
N LYS A 37 8.47 -0.15 -2.52
CA LYS A 37 9.75 -0.45 -3.16
C LYS A 37 10.87 -0.31 -2.13
N LEU A 38 10.71 0.65 -1.24
CA LEU A 38 11.70 0.93 -0.20
C LEU A 38 11.87 -0.26 0.75
N HIS A 39 10.79 -0.99 1.01
CA HIS A 39 10.85 -2.15 1.90
C HIS A 39 10.28 -3.40 1.23
N PRO A 40 11.15 -4.26 0.66
CA PRO A 40 10.72 -5.48 -0.03
C PRO A 40 9.98 -6.47 0.88
N THR A 41 10.24 -6.41 2.19
CA THR A 41 9.58 -7.32 3.12
C THR A 41 8.11 -6.97 3.29
N TYR A 42 7.74 -5.74 2.96
CA TYR A 42 6.35 -5.31 3.10
C TYR A 42 5.56 -5.57 1.83
N THR A 43 4.38 -6.16 2.01
CA THR A 43 3.50 -6.44 0.89
C THR A 43 2.20 -5.66 1.06
N VAL A 44 1.67 -5.12 -0.03
CA VAL A 44 0.45 -4.32 0.02
C VAL A 44 -0.70 -5.12 0.63
N ASP A 45 -1.35 -4.52 1.63
CA ASP A 45 -2.48 -5.17 2.30
C ASP A 45 -3.78 -4.41 2.03
N MET A 46 -4.54 -4.87 1.04
CA MET A 46 -5.81 -4.25 0.70
C MET A 46 -6.79 -5.28 0.12
N PRO A 47 -8.09 -4.93 0.10
CA PRO A 47 -9.14 -5.83 -0.42
C PRO A 47 -9.12 -5.97 -1.94
N SER A 48 -9.30 -4.85 -2.63
CA SER A 48 -9.34 -4.85 -4.09
C SER A 48 -8.14 -4.15 -4.72
N TYR A 49 -7.07 -3.97 -3.94
CA TYR A 49 -5.88 -3.31 -4.46
C TYR A 49 -5.10 -4.26 -5.39
N VAL A 50 -4.08 -3.73 -6.06
CA VAL A 50 -3.27 -4.54 -6.95
C VAL A 50 -1.78 -4.33 -6.67
N PRO A 51 -1.07 -5.37 -6.21
CA PRO A 51 0.35 -5.28 -5.88
C PRO A 51 1.26 -5.70 -7.03
N LYS A 52 1.33 -7.01 -7.28
CA LYS A 52 2.18 -7.54 -8.34
C LYS A 52 1.36 -8.11 -9.49
N ASN A 53 0.14 -7.63 -9.62
CA ASN A 53 -0.75 -8.07 -10.69
C ASN A 53 -0.86 -7.01 -11.79
N ALA A 54 -0.48 -7.38 -13.01
CA ALA A 54 -0.54 -6.47 -14.13
C ALA A 54 -0.86 -7.20 -15.43
N ASP A 55 -1.14 -6.44 -16.49
CA ASP A 55 -1.47 -7.01 -17.78
C ASP A 55 -1.63 -5.93 -18.83
N SER A 1 -9.27 11.43 -15.32
CA SER A 1 -10.73 11.21 -15.49
C SER A 1 -11.35 10.64 -14.22
N GLY A 2 -10.86 9.49 -13.79
CA GLY A 2 -11.39 8.86 -12.59
C GLY A 2 -10.47 7.79 -12.04
N GLN A 3 -9.27 8.20 -11.62
CA GLN A 3 -8.29 7.26 -11.07
C GLN A 3 -8.30 7.31 -9.55
N LEU A 4 -7.23 6.82 -8.93
CA LEU A 4 -7.11 6.82 -7.47
C LEU A 4 -6.61 8.17 -6.99
N ASP A 5 -6.80 8.44 -5.70
CA ASP A 5 -6.36 9.69 -5.10
C ASP A 5 -5.08 9.48 -4.31
N PRO A 6 -4.01 10.25 -4.59
CA PRO A 6 -2.74 10.11 -3.88
C PRO A 6 -2.91 10.25 -2.36
N ASP A 7 -3.99 10.90 -1.93
CA ASP A 7 -4.24 11.08 -0.50
C ASP A 7 -4.72 9.78 0.13
N THR A 8 -5.27 8.89 -0.69
CA THR A 8 -5.77 7.61 -0.18
C THR A 8 -4.67 6.86 0.58
N ARG A 9 -5.06 6.14 1.62
CA ARG A 9 -4.10 5.40 2.43
C ARG A 9 -4.21 3.89 2.16
N ILE A 10 -3.08 3.27 1.86
CA ILE A 10 -3.04 1.83 1.59
C ILE A 10 -2.28 1.08 2.69
N PRO A 11 -2.97 0.21 3.44
CA PRO A 11 -2.33 -0.56 4.52
C PRO A 11 -1.20 -1.44 3.99
N VAL A 12 -0.14 -1.57 4.76
CA VAL A 12 1.00 -2.39 4.38
C VAL A 12 1.31 -3.45 5.43
N ILE A 13 1.75 -4.62 4.98
CA ILE A 13 2.07 -5.70 5.89
C ILE A 13 3.51 -6.21 5.70
N ASN A 14 4.27 -6.25 6.79
CA ASN A 14 5.64 -6.74 6.74
C ASN A 14 5.61 -8.26 6.84
N LEU A 15 5.92 -8.94 5.74
CA LEU A 15 5.95 -10.38 5.72
C LEU A 15 7.00 -10.92 6.67
N GLU A 16 8.04 -10.14 6.89
CA GLU A 16 9.11 -10.54 7.79
C GLU A 16 8.55 -10.99 9.14
N ASP A 17 7.51 -10.30 9.61
CA ASP A 17 6.90 -10.66 10.90
C ASP A 17 5.38 -10.54 10.85
N GLY A 18 4.82 -10.63 9.65
CA GLY A 18 3.38 -10.53 9.50
C GLY A 18 2.85 -9.20 10.03
N THR A 19 3.76 -8.25 10.22
CA THR A 19 3.39 -6.94 10.75
C THR A 19 2.38 -6.25 9.85
N ARG A 20 1.46 -5.48 10.43
CA ARG A 20 0.45 -4.77 9.66
C ARG A 20 0.50 -3.29 9.97
N LEU A 21 0.13 -2.47 9.00
CA LEU A 21 0.13 -1.03 9.19
C LEU A 21 -1.08 -0.38 8.53
N VAL A 22 -1.94 0.19 9.36
CA VAL A 22 -3.16 0.85 8.89
C VAL A 22 -3.30 2.24 9.48
N GLY A 23 -4.13 3.07 8.86
CA GLY A 23 -4.32 4.42 9.36
C GLY A 23 -3.07 5.25 9.24
N GLU A 24 -2.62 5.80 10.37
CA GLU A 24 -1.41 6.62 10.38
C GLU A 24 -0.16 5.78 10.10
N ASP A 25 -0.30 4.46 10.18
CA ASP A 25 0.82 3.57 9.93
C ASP A 25 0.93 3.20 8.45
N ALA A 26 -0.08 3.57 7.66
CA ALA A 26 -0.07 3.25 6.23
C ALA A 26 0.18 4.50 5.39
N PRO A 27 1.11 4.43 4.42
CA PRO A 27 1.43 5.55 3.54
C PRO A 27 0.35 5.83 2.50
N LYS A 28 0.48 6.96 1.80
CA LYS A 28 -0.47 7.34 0.77
C LYS A 28 -0.04 6.81 -0.59
N ASN A 29 -1.01 6.32 -1.38
CA ASN A 29 -0.77 5.75 -2.72
C ASN A 29 0.58 6.13 -3.36
N LYS A 30 1.01 7.38 -3.18
CA LYS A 30 2.28 7.81 -3.74
C LYS A 30 3.43 7.42 -2.82
N ASP A 31 3.25 7.67 -1.52
CA ASP A 31 4.27 7.30 -0.57
C ASP A 31 4.28 5.80 -0.42
N LEU A 32 3.15 5.14 -0.69
CA LEU A 32 3.07 3.70 -0.59
C LEU A 32 3.86 3.07 -1.72
N VAL A 33 3.73 3.60 -2.93
CA VAL A 33 4.49 3.04 -4.04
C VAL A 33 5.98 3.11 -3.73
N GLU A 34 6.46 4.30 -3.38
CA GLU A 34 7.88 4.46 -3.04
C GLU A 34 8.25 3.66 -1.78
N TRP A 35 7.43 3.80 -0.76
CA TRP A 35 7.63 3.10 0.52
C TRP A 35 7.74 1.60 0.30
N LEU A 36 6.83 1.07 -0.51
CA LEU A 36 6.82 -0.35 -0.84
C LEU A 36 8.15 -0.76 -1.45
N LYS A 37 8.60 0.02 -2.43
CA LYS A 37 9.87 -0.24 -3.08
C LYS A 37 10.99 -0.18 -2.04
N LEU A 38 10.88 0.77 -1.12
CA LEU A 38 11.87 0.96 -0.08
C LEU A 38 12.00 -0.25 0.84
N HIS A 39 10.91 -0.96 1.07
CA HIS A 39 10.94 -2.13 1.94
C HIS A 39 10.36 -3.37 1.25
N PRO A 40 11.23 -4.22 0.66
CA PRO A 40 10.79 -5.43 -0.05
C PRO A 40 10.07 -6.44 0.84
N THR A 41 10.32 -6.40 2.15
CA THR A 41 9.67 -7.32 3.07
C THR A 41 8.20 -7.00 3.23
N TYR A 42 7.80 -5.78 2.88
CA TYR A 42 6.41 -5.38 3.01
C TYR A 42 5.62 -5.69 1.74
N THR A 43 4.45 -6.28 1.93
CA THR A 43 3.57 -6.58 0.81
C THR A 43 2.27 -5.81 0.95
N VAL A 44 1.73 -5.34 -0.17
CA VAL A 44 0.49 -4.55 -0.15
C VAL A 44 -0.65 -5.30 0.52
N ASP A 45 -1.23 -4.67 1.55
CA ASP A 45 -2.36 -5.28 2.26
C ASP A 45 -3.62 -4.43 2.10
N MET A 46 -4.57 -4.92 1.31
CA MET A 46 -5.81 -4.20 1.09
C MET A 46 -6.92 -5.13 0.60
N PRO A 47 -7.84 -5.53 1.50
CA PRO A 47 -8.96 -6.42 1.15
C PRO A 47 -9.93 -5.76 0.18
N SER A 48 -9.45 -5.50 -1.03
CA SER A 48 -10.26 -4.86 -2.07
C SER A 48 -9.42 -4.52 -3.29
N TYR A 49 -8.13 -4.26 -3.07
CA TYR A 49 -7.19 -3.90 -4.15
C TYR A 49 -7.59 -4.54 -5.48
N VAL A 50 -7.57 -3.75 -6.54
CA VAL A 50 -7.92 -4.23 -7.87
C VAL A 50 -6.97 -3.65 -8.92
N PRO A 51 -6.18 -4.50 -9.60
CA PRO A 51 -5.23 -4.06 -10.62
C PRO A 51 -5.94 -3.44 -11.81
N LYS A 52 -6.02 -2.11 -11.83
CA LYS A 52 -6.67 -1.38 -12.92
C LYS A 52 -8.16 -1.72 -12.99
N ASN A 53 -8.98 -0.71 -13.19
CA ASN A 53 -10.43 -0.90 -13.28
C ASN A 53 -10.79 -1.74 -14.49
N ALA A 54 -12.01 -2.28 -14.49
CA ALA A 54 -12.49 -3.10 -15.59
C ALA A 54 -14.01 -3.05 -15.70
N ASP A 55 -14.68 -3.20 -14.57
CA ASP A 55 -16.14 -3.17 -14.53
C ASP A 55 -16.66 -1.74 -14.65
N SER A 1 -2.36 2.09 -12.27
CA SER A 1 -3.61 1.64 -12.94
C SER A 1 -4.79 1.70 -11.98
N GLY A 2 -5.97 2.03 -12.50
CA GLY A 2 -7.16 2.10 -11.68
C GLY A 2 -7.65 3.53 -11.49
N GLN A 3 -8.48 3.74 -10.47
CA GLN A 3 -9.01 5.06 -10.19
C GLN A 3 -8.83 5.41 -8.70
N LEU A 4 -7.63 5.17 -8.19
CA LEU A 4 -7.32 5.45 -6.81
C LEU A 4 -6.80 6.88 -6.64
N ASP A 5 -6.89 7.40 -5.42
CA ASP A 5 -6.43 8.75 -5.14
C ASP A 5 -5.08 8.73 -4.45
N PRO A 6 -4.18 9.67 -4.79
CA PRO A 6 -2.84 9.73 -4.20
C PRO A 6 -2.88 9.91 -2.69
N ASP A 7 -3.88 10.62 -2.20
CA ASP A 7 -4.02 10.88 -0.76
C ASP A 7 -4.52 9.63 -0.03
N THR A 8 -5.19 8.74 -0.75
CA THR A 8 -5.71 7.52 -0.16
C THR A 8 -4.60 6.77 0.55
N ARG A 9 -4.95 6.06 1.62
CA ARG A 9 -3.98 5.31 2.41
C ARG A 9 -4.19 3.81 2.27
N ILE A 10 -3.10 3.08 2.01
CA ILE A 10 -3.18 1.63 1.86
C ILE A 10 -2.36 0.93 2.94
N PRO A 11 -3.01 0.20 3.86
CA PRO A 11 -2.31 -0.51 4.92
C PRO A 11 -1.23 -1.42 4.36
N VAL A 12 -0.11 -1.54 5.08
CA VAL A 12 0.99 -2.39 4.63
C VAL A 12 1.36 -3.39 5.71
N ILE A 13 1.75 -4.58 5.28
CA ILE A 13 2.14 -5.64 6.20
C ILE A 13 3.54 -6.17 5.91
N ASN A 14 4.37 -6.25 6.95
CA ASN A 14 5.73 -6.77 6.80
C ASN A 14 5.65 -8.29 6.80
N LEU A 15 5.93 -8.90 5.65
CA LEU A 15 5.89 -10.35 5.55
C LEU A 15 6.93 -10.98 6.47
N GLU A 16 8.03 -10.26 6.69
CA GLU A 16 9.09 -10.75 7.55
C GLU A 16 8.54 -11.18 8.91
N ASP A 17 7.56 -10.44 9.43
CA ASP A 17 7.00 -10.77 10.74
C ASP A 17 5.48 -10.58 10.77
N GLY A 18 4.84 -10.66 9.62
CA GLY A 18 3.41 -10.49 9.54
C GLY A 18 2.96 -9.14 10.07
N THR A 19 3.91 -8.20 10.18
CA THR A 19 3.60 -6.87 10.68
C THR A 19 2.45 -6.24 9.92
N ARG A 20 1.71 -5.35 10.58
CA ARG A 20 0.58 -4.68 9.95
C ARG A 20 0.64 -3.19 10.24
N LEU A 21 0.25 -2.37 9.26
CA LEU A 21 0.26 -0.93 9.44
C LEU A 21 -0.96 -0.28 8.81
N VAL A 22 -1.81 0.30 9.65
CA VAL A 22 -3.03 0.96 9.20
C VAL A 22 -3.14 2.35 9.77
N GLY A 23 -3.99 3.18 9.16
CA GLY A 23 -4.15 4.54 9.65
C GLY A 23 -2.88 5.36 9.47
N GLU A 24 -2.41 5.95 10.56
CA GLU A 24 -1.21 6.76 10.53
C GLU A 24 0.03 5.91 10.23
N ASP A 25 -0.11 4.59 10.35
CA ASP A 25 1.02 3.69 10.09
C ASP A 25 1.08 3.28 8.62
N ALA A 26 0.02 3.59 7.86
CA ALA A 26 -0.01 3.23 6.45
C ALA A 26 0.21 4.45 5.56
N PRO A 27 1.08 4.33 4.53
CA PRO A 27 1.37 5.44 3.61
C PRO A 27 0.26 5.67 2.58
N LYS A 28 0.35 6.77 1.84
CA LYS A 28 -0.63 7.10 0.82
C LYS A 28 -0.17 6.59 -0.55
N ASN A 29 -1.11 6.10 -1.36
CA ASN A 29 -0.84 5.56 -2.70
C ASN A 29 0.49 6.00 -3.34
N LYS A 30 0.88 7.26 -3.15
CA LYS A 30 2.14 7.73 -3.70
C LYS A 30 3.30 7.36 -2.78
N ASP A 31 3.10 7.58 -1.48
CA ASP A 31 4.10 7.24 -0.53
C ASP A 31 4.17 5.73 -0.40
N LEU A 32 3.07 5.05 -0.69
CA LEU A 32 3.03 3.60 -0.62
C LEU A 32 3.84 3.01 -1.75
N VAL A 33 3.72 3.58 -2.95
CA VAL A 33 4.50 3.07 -4.07
C VAL A 33 5.98 3.17 -3.75
N GLU A 34 6.43 4.37 -3.37
CA GLU A 34 7.83 4.57 -3.02
C GLU A 34 8.22 3.75 -1.79
N TRP A 35 7.40 3.86 -0.75
CA TRP A 35 7.62 3.14 0.50
C TRP A 35 7.74 1.64 0.24
N LEU A 36 6.89 1.16 -0.66
CA LEU A 36 6.89 -0.25 -1.04
C LEU A 36 8.24 -0.64 -1.59
N LYS A 37 8.70 0.08 -2.60
CA LYS A 37 10.01 -0.22 -3.19
C LYS A 37 11.09 -0.14 -2.12
N LEU A 38 10.90 0.79 -1.18
CA LEU A 38 11.86 0.99 -0.11
C LEU A 38 11.96 -0.23 0.82
N HIS A 39 10.85 -0.95 0.99
CA HIS A 39 10.86 -2.14 1.86
C HIS A 39 10.18 -3.33 1.17
N PRO A 40 10.97 -4.16 0.46
CA PRO A 40 10.45 -5.34 -0.25
C PRO A 40 9.70 -6.32 0.65
N THR A 41 10.18 -6.50 1.88
CA THR A 41 9.55 -7.44 2.81
C THR A 41 8.10 -7.08 3.08
N TYR A 42 7.71 -5.84 2.79
CA TYR A 42 6.34 -5.42 3.03
C TYR A 42 5.45 -5.67 1.83
N THR A 43 4.25 -6.16 2.09
CA THR A 43 3.28 -6.44 1.04
C THR A 43 2.01 -5.62 1.31
N VAL A 44 1.55 -4.88 0.30
CA VAL A 44 0.37 -4.05 0.45
C VAL A 44 -0.85 -4.86 0.89
N ASP A 45 -1.59 -4.32 1.85
CA ASP A 45 -2.79 -4.97 2.36
C ASP A 45 -4.02 -4.12 2.07
N MET A 46 -4.79 -4.52 1.06
CA MET A 46 -6.00 -3.79 0.68
C MET A 46 -7.07 -4.75 0.17
N PRO A 47 -8.35 -4.46 0.46
CA PRO A 47 -9.47 -5.32 0.05
C PRO A 47 -9.61 -5.42 -1.47
N SER A 48 -9.94 -4.32 -2.13
CA SER A 48 -10.13 -4.30 -3.57
C SER A 48 -8.89 -3.84 -4.33
N TYR A 49 -7.74 -3.84 -3.66
CA TYR A 49 -6.50 -3.42 -4.31
C TYR A 49 -5.38 -4.43 -4.04
N VAL A 50 -5.32 -5.46 -4.86
CA VAL A 50 -4.29 -6.49 -4.71
C VAL A 50 -3.00 -6.10 -5.43
N PRO A 51 -1.86 -6.11 -4.73
CA PRO A 51 -0.57 -5.74 -5.29
C PRO A 51 0.06 -6.89 -6.09
N LYS A 52 0.47 -6.59 -7.32
CA LYS A 52 1.08 -7.59 -8.19
C LYS A 52 2.13 -6.95 -9.10
N ASN A 53 1.67 -6.39 -10.22
CA ASN A 53 2.56 -5.75 -11.17
C ASN A 53 2.83 -4.30 -10.78
N ALA A 54 4.11 -3.92 -10.78
CA ALA A 54 4.51 -2.57 -10.42
C ALA A 54 5.89 -2.24 -10.97
N ASP A 55 5.99 -1.13 -11.67
CA ASP A 55 7.26 -0.69 -12.26
C ASP A 55 8.08 0.10 -11.25
N SER A 1 -15.65 3.85 -11.89
CA SER A 1 -14.85 5.08 -11.64
C SER A 1 -13.79 4.85 -10.57
N GLY A 2 -12.56 5.24 -10.87
CA GLY A 2 -11.47 5.06 -9.93
C GLY A 2 -11.53 6.05 -8.78
N GLN A 3 -11.95 5.59 -7.61
CA GLN A 3 -12.06 6.44 -6.44
C GLN A 3 -10.78 6.37 -5.60
N LEU A 4 -9.64 6.45 -6.27
CA LEU A 4 -8.36 6.39 -5.60
C LEU A 4 -7.56 7.67 -5.84
N ASP A 5 -7.20 8.35 -4.76
CA ASP A 5 -6.44 9.59 -4.84
C ASP A 5 -5.07 9.41 -4.20
N PRO A 6 -4.03 10.07 -4.74
CA PRO A 6 -2.67 9.97 -4.20
C PRO A 6 -2.63 10.18 -2.68
N ASP A 7 -3.59 10.94 -2.17
CA ASP A 7 -3.67 11.21 -0.74
C ASP A 7 -4.18 10.00 0.03
N THR A 8 -4.93 9.13 -0.66
CA THR A 8 -5.47 7.92 -0.03
C THR A 8 -4.36 7.11 0.61
N ARG A 9 -4.68 6.45 1.72
CA ARG A 9 -3.69 5.65 2.44
C ARG A 9 -3.96 4.15 2.25
N ILE A 10 -2.92 3.42 1.85
CA ILE A 10 -3.04 1.99 1.65
C ILE A 10 -2.29 1.21 2.73
N PRO A 11 -3.00 0.37 3.50
CA PRO A 11 -2.38 -0.42 4.57
C PRO A 11 -1.26 -1.33 4.05
N VAL A 12 -0.21 -1.47 4.84
CA VAL A 12 0.92 -2.31 4.45
C VAL A 12 1.23 -3.37 5.52
N ILE A 13 1.68 -4.53 5.07
CA ILE A 13 2.00 -5.62 5.99
C ILE A 13 3.44 -6.11 5.79
N ASN A 14 4.19 -6.18 6.88
CA ASN A 14 5.56 -6.67 6.81
C ASN A 14 5.54 -8.18 6.87
N LEU A 15 5.88 -8.83 5.75
CA LEU A 15 5.89 -10.27 5.68
C LEU A 15 6.88 -10.85 6.68
N GLU A 16 7.96 -10.11 6.92
CA GLU A 16 8.98 -10.55 7.86
C GLU A 16 8.37 -11.00 9.18
N ASP A 17 7.33 -10.30 9.64
CA ASP A 17 6.68 -10.64 10.91
C ASP A 17 5.17 -10.49 10.84
N GLY A 18 4.61 -10.57 9.63
CA GLY A 18 3.18 -10.43 9.47
C GLY A 18 2.68 -9.10 9.99
N THR A 19 3.59 -8.15 10.17
CA THR A 19 3.24 -6.83 10.69
C THR A 19 2.14 -6.19 9.87
N ARG A 20 1.37 -5.31 10.51
CA ARG A 20 0.28 -4.62 9.84
C ARG A 20 0.38 -3.12 10.10
N LEU A 21 0.06 -2.32 9.09
CA LEU A 21 0.12 -0.87 9.24
C LEU A 21 -1.08 -0.20 8.59
N VAL A 22 -1.91 0.40 9.42
CA VAL A 22 -3.11 1.10 8.95
C VAL A 22 -3.21 2.49 9.55
N GLY A 23 -4.04 3.33 8.95
CA GLY A 23 -4.20 4.68 9.45
C GLY A 23 -2.92 5.49 9.35
N GLU A 24 -2.49 6.04 10.48
CA GLU A 24 -1.27 6.84 10.51
C GLU A 24 -0.03 6.00 10.23
N ASP A 25 -0.17 4.68 10.31
CA ASP A 25 0.96 3.78 10.06
C ASP A 25 1.05 3.39 8.59
N ALA A 26 0.04 3.74 7.81
CA ALA A 26 0.03 3.40 6.38
C ALA A 26 0.28 4.64 5.51
N PRO A 27 1.19 4.54 4.53
CA PRO A 27 1.51 5.65 3.63
C PRO A 27 0.41 5.88 2.58
N LYS A 28 0.51 6.99 1.85
CA LYS A 28 -0.46 7.31 0.81
C LYS A 28 -0.04 6.70 -0.52
N ASN A 29 -1.02 6.16 -1.26
CA ASN A 29 -0.80 5.51 -2.57
C ASN A 29 0.50 5.90 -3.30
N LYS A 30 0.91 7.16 -3.18
CA LYS A 30 2.15 7.60 -3.82
C LYS A 30 3.34 7.26 -2.93
N ASP A 31 3.20 7.55 -1.65
CA ASP A 31 4.24 7.23 -0.71
C ASP A 31 4.28 5.74 -0.51
N LEU A 32 3.15 5.07 -0.75
CA LEU A 32 3.06 3.63 -0.61
C LEU A 32 3.83 2.97 -1.72
N VAL A 33 3.70 3.47 -2.95
CA VAL A 33 4.44 2.90 -4.06
C VAL A 33 5.94 2.97 -3.78
N GLU A 34 6.40 4.18 -3.43
CA GLU A 34 7.83 4.36 -3.13
C GLU A 34 8.22 3.57 -1.87
N TRP A 35 7.43 3.73 -0.82
CA TRP A 35 7.65 3.05 0.46
C TRP A 35 7.73 1.54 0.24
N LEU A 36 6.84 1.04 -0.60
CA LEU A 36 6.78 -0.38 -0.92
C LEU A 36 8.11 -0.84 -1.52
N LYS A 37 8.57 -0.13 -2.55
CA LYS A 37 9.84 -0.46 -3.18
C LYS A 37 10.96 -0.36 -2.15
N LEU A 38 10.84 0.62 -1.26
CA LEU A 38 11.84 0.85 -0.23
C LEU A 38 11.99 -0.35 0.70
N HIS A 39 10.89 -1.04 0.99
CA HIS A 39 10.93 -2.21 1.87
C HIS A 39 10.31 -3.43 1.19
N PRO A 40 11.16 -4.30 0.59
CA PRO A 40 10.70 -5.51 -0.11
C PRO A 40 9.97 -6.50 0.81
N THR A 41 10.25 -6.45 2.10
CA THR A 41 9.60 -7.36 3.05
C THR A 41 8.13 -7.01 3.24
N TYR A 42 7.77 -5.78 2.89
CA TYR A 42 6.38 -5.35 3.05
C TYR A 42 5.57 -5.64 1.80
N THR A 43 4.37 -6.17 2.00
CA THR A 43 3.47 -6.46 0.89
C THR A 43 2.16 -5.70 1.09
N VAL A 44 1.63 -5.15 0.00
CA VAL A 44 0.39 -4.38 0.07
C VAL A 44 -0.74 -5.20 0.68
N ASP A 45 -1.37 -4.65 1.72
CA ASP A 45 -2.47 -5.34 2.38
C ASP A 45 -3.80 -4.64 2.11
N MET A 46 -4.53 -5.14 1.11
CA MET A 46 -5.82 -4.57 0.74
C MET A 46 -6.80 -5.67 0.33
N PRO A 47 -8.07 -5.55 0.74
CA PRO A 47 -9.10 -6.54 0.41
C PRO A 47 -9.12 -6.93 -1.07
N SER A 48 -9.00 -5.93 -1.93
CA SER A 48 -9.00 -6.17 -3.37
C SER A 48 -7.82 -5.49 -4.05
N TYR A 49 -7.79 -4.16 -3.99
CA TYR A 49 -6.71 -3.39 -4.60
C TYR A 49 -6.83 -3.39 -6.13
N VAL A 50 -7.22 -2.25 -6.69
CA VAL A 50 -7.38 -2.12 -8.13
C VAL A 50 -6.18 -1.40 -8.74
N PRO A 51 -5.39 -2.07 -9.60
CA PRO A 51 -4.23 -1.47 -10.23
C PRO A 51 -4.61 -0.48 -11.33
N LYS A 52 -3.72 0.47 -11.59
CA LYS A 52 -3.97 1.47 -12.63
C LYS A 52 -3.05 1.25 -13.83
N ASN A 53 -1.78 1.02 -13.56
CA ASN A 53 -0.80 0.78 -14.61
C ASN A 53 0.46 0.12 -14.05
N ALA A 54 1.17 -0.61 -14.90
CA ALA A 54 2.38 -1.30 -14.49
C ALA A 54 3.50 -1.09 -15.50
N ASP A 55 4.61 -0.52 -15.05
CA ASP A 55 5.75 -0.25 -15.92
C ASP A 55 6.99 -1.01 -15.44
N SER A 1 -12.83 7.49 -17.06
CA SER A 1 -12.60 7.60 -15.59
C SER A 1 -11.93 6.36 -15.04
N GLY A 2 -11.14 6.54 -13.99
CA GLY A 2 -10.45 5.42 -13.38
C GLY A 2 -9.13 5.82 -12.74
N GLN A 3 -9.22 6.72 -11.75
CA GLN A 3 -8.03 7.19 -11.05
C GLN A 3 -8.27 7.26 -9.55
N LEU A 4 -7.24 6.97 -8.77
CA LEU A 4 -7.34 7.00 -7.32
C LEU A 4 -6.81 8.33 -6.77
N ASP A 5 -6.99 8.54 -5.47
CA ASP A 5 -6.53 9.76 -4.83
C ASP A 5 -5.20 9.51 -4.11
N PRO A 6 -4.13 10.20 -4.54
CA PRO A 6 -2.80 10.04 -3.92
C PRO A 6 -2.85 10.22 -2.41
N ASP A 7 -3.87 10.93 -1.92
CA ASP A 7 -4.02 11.17 -0.50
C ASP A 7 -4.52 9.92 0.22
N THR A 8 -5.18 9.03 -0.53
CA THR A 8 -5.70 7.80 0.04
C THR A 8 -4.57 7.02 0.74
N ARG A 9 -4.90 6.38 1.85
CA ARG A 9 -3.91 5.62 2.61
C ARG A 9 -4.12 4.11 2.42
N ILE A 10 -3.08 3.43 1.95
CA ILE A 10 -3.14 2.00 1.73
C ILE A 10 -2.34 1.25 2.80
N PRO A 11 -2.98 0.34 3.54
CA PRO A 11 -2.32 -0.43 4.60
C PRO A 11 -1.22 -1.34 4.05
N VAL A 12 -0.12 -1.44 4.78
CA VAL A 12 0.99 -2.30 4.37
C VAL A 12 1.26 -3.38 5.40
N ILE A 13 1.70 -4.55 4.94
CA ILE A 13 1.99 -5.66 5.82
C ILE A 13 3.42 -6.16 5.66
N ASN A 14 4.15 -6.25 6.76
CA ASN A 14 5.52 -6.75 6.73
C ASN A 14 5.47 -8.27 6.77
N LEU A 15 5.79 -8.90 5.66
CA LEU A 15 5.78 -10.34 5.57
C LEU A 15 6.81 -10.95 6.51
N GLU A 16 7.84 -10.18 6.85
CA GLU A 16 8.87 -10.64 7.75
C GLU A 16 8.27 -11.13 9.06
N ASP A 17 7.24 -10.44 9.54
CA ASP A 17 6.58 -10.83 10.79
C ASP A 17 5.06 -10.67 10.71
N GLY A 18 4.53 -10.70 9.50
CA GLY A 18 3.10 -10.55 9.32
C GLY A 18 2.58 -9.25 9.88
N THR A 19 3.49 -8.30 10.10
CA THR A 19 3.10 -7.01 10.68
C THR A 19 2.16 -6.24 9.77
N ARG A 20 1.36 -5.36 10.34
CA ARG A 20 0.42 -4.56 9.58
C ARG A 20 0.54 -3.10 9.97
N LEU A 21 0.35 -2.21 9.00
CA LEU A 21 0.44 -0.77 9.26
C LEU A 21 -0.72 -0.04 8.60
N VAL A 22 -1.57 0.56 9.42
CA VAL A 22 -2.73 1.29 8.93
C VAL A 22 -2.81 2.67 9.56
N GLY A 23 -3.68 3.51 9.00
CA GLY A 23 -3.86 4.84 9.53
C GLY A 23 -2.60 5.69 9.49
N GLU A 24 -2.17 6.15 10.67
CA GLU A 24 -0.98 6.98 10.78
C GLU A 24 0.28 6.23 10.38
N ASP A 25 0.25 4.90 10.44
CA ASP A 25 1.41 4.10 10.07
C ASP A 25 1.32 3.60 8.64
N ALA A 26 0.23 3.96 7.94
CA ALA A 26 0.05 3.54 6.56
C ALA A 26 0.25 4.72 5.60
N PRO A 27 1.13 4.56 4.59
CA PRO A 27 1.41 5.62 3.61
C PRO A 27 0.27 5.78 2.59
N LYS A 28 0.35 6.84 1.81
CA LYS A 28 -0.67 7.10 0.79
C LYS A 28 -0.24 6.54 -0.56
N ASN A 29 -1.20 6.01 -1.32
CA ASN A 29 -0.95 5.41 -2.65
C ASN A 29 0.37 5.83 -3.33
N LYS A 30 0.75 7.09 -3.19
CA LYS A 30 2.01 7.55 -3.79
C LYS A 30 3.19 7.21 -2.88
N ASP A 31 3.01 7.49 -1.59
CA ASP A 31 4.03 7.18 -0.63
C ASP A 31 4.10 5.68 -0.45
N LEU A 32 3.00 4.98 -0.71
CA LEU A 32 2.95 3.54 -0.60
C LEU A 32 3.74 2.91 -1.71
N VAL A 33 3.61 3.43 -2.94
CA VAL A 33 4.38 2.88 -4.04
C VAL A 33 5.86 2.99 -3.73
N GLU A 34 6.31 4.20 -3.36
CA GLU A 34 7.73 4.40 -3.04
C GLU A 34 8.13 3.62 -1.77
N TRP A 35 7.32 3.76 -0.73
CA TRP A 35 7.54 3.09 0.55
C TRP A 35 7.64 1.58 0.35
N LEU A 36 6.75 1.06 -0.48
CA LEU A 36 6.72 -0.36 -0.78
C LEU A 36 8.04 -0.80 -1.40
N LYS A 37 8.48 -0.08 -2.43
CA LYS A 37 9.75 -0.40 -3.07
C LYS A 37 10.88 -0.28 -2.05
N LEU A 38 10.75 0.70 -1.17
CA LEU A 38 11.76 0.97 -0.14
C LEU A 38 11.91 -0.23 0.80
N HIS A 39 10.82 -0.93 1.08
CA HIS A 39 10.87 -2.09 1.98
C HIS A 39 10.30 -3.33 1.31
N PRO A 40 11.17 -4.20 0.75
CA PRO A 40 10.75 -5.43 0.06
C PRO A 40 9.96 -6.38 0.95
N THR A 41 10.26 -6.40 2.26
CA THR A 41 9.56 -7.30 3.17
C THR A 41 8.08 -6.92 3.30
N TYR A 42 7.75 -5.68 2.98
CA TYR A 42 6.37 -5.23 3.09
C TYR A 42 5.61 -5.47 1.79
N THR A 43 4.42 -6.05 1.91
CA THR A 43 3.57 -6.29 0.76
C THR A 43 2.24 -5.57 0.93
N VAL A 44 1.65 -5.12 -0.18
CA VAL A 44 0.38 -4.40 -0.12
C VAL A 44 -0.69 -5.22 0.59
N ASP A 45 -1.24 -4.67 1.67
CA ASP A 45 -2.26 -5.38 2.44
C ASP A 45 -3.65 -4.77 2.22
N MET A 46 -4.41 -5.36 1.30
CA MET A 46 -5.76 -4.88 1.00
C MET A 46 -6.68 -6.05 0.64
N PRO A 47 -7.99 -5.92 0.92
CA PRO A 47 -8.96 -6.98 0.63
C PRO A 47 -9.11 -7.26 -0.86
N SER A 48 -9.26 -6.20 -1.64
CA SER A 48 -9.41 -6.34 -3.09
C SER A 48 -8.25 -5.68 -3.84
N TYR A 49 -8.24 -4.35 -3.82
CA TYR A 49 -7.20 -3.59 -4.49
C TYR A 49 -7.26 -3.81 -6.00
N VAL A 50 -7.28 -2.72 -6.76
CA VAL A 50 -7.33 -2.79 -8.21
C VAL A 50 -6.09 -2.17 -8.84
N PRO A 51 -5.26 -2.97 -9.54
CA PRO A 51 -4.04 -2.47 -10.19
C PRO A 51 -4.32 -1.76 -11.51
N LYS A 52 -4.61 -0.46 -11.44
CA LYS A 52 -4.89 0.33 -12.62
C LYS A 52 -6.12 -0.20 -13.35
N ASN A 53 -7.17 0.61 -13.40
CA ASN A 53 -8.41 0.23 -14.07
C ASN A 53 -8.21 0.16 -15.58
N ALA A 54 -8.91 -0.77 -16.22
CA ALA A 54 -8.81 -0.94 -17.67
C ALA A 54 -9.66 0.09 -18.40
N ASP A 55 -9.23 0.46 -19.61
CA ASP A 55 -9.97 1.43 -20.41
C ASP A 55 -10.66 0.75 -21.59
#